data_4UOP
#
_entry.id   4UOP
#
_cell.length_a   53.198
_cell.length_b   53.700
_cell.length_c   85.037
_cell.angle_alpha   71.63
_cell.angle_beta   76.78
_cell.angle_gamma   65.12
#
_symmetry.space_group_name_H-M   'P 1'
#
loop_
_entity.id
_entity.type
_entity.pdbx_description
1 polymer 'LIPOTEICHOIC ACID PRIMASE'
2 non-polymer 'PENTAETHYLENE GLYCOL'
3 non-polymer 'MAGNESIUM ION'
4 non-polymer 'CHLORIDE ION'
5 water water
#
_entity_poly.entity_id   1
_entity_poly.type   'polypeptide(L)'
_entity_poly.pdbx_seq_one_letter_code
;MSYYHHHHHHDYDIPTTENLYFQGAMGSAADITAKNVNDIKGVSVKSNPDYFGAAKGKNLIIVQLESFQRNLTNVKINGQ
SITPTLDGLQNETMYSNQFFQTVSKSNTADAEWSVYTSTFPSGYYTNTQTYGDRVIPSMPRLLGKNDYKTATFHTNDASF
YNRDEFYPAVGFDKFYDRKFFGDEDVIGFSPSDEVLYNKAFPILEEQYKNNQKFYAQLISVSSHMPFDIPKDKQEIDLPS
DLKDTELGNYFEAVHYADKQLGEFIQKLKDSGIWDDSVVVFYGDHHIIKTDQLPEEQKKYVNRSTQLKAEPADDYRIPFF
LHYPGMENPGEIKNVGGEIDIMPTVMNLLGIKTGDQIMFGTDILNSSNNYVPERYTMPEGSYFTNSYMYQPDESFETGAA
TNYDGTNKELSSDVKKRFDASRKLLQYSDSYVNNLPLRNEDK
;
_entity_poly.pdbx_strand_id   A,B
#
# COMPACT_ATOMS: atom_id res chain seq x y z
N ILE A 32 33.07 15.01 18.41
CA ILE A 32 31.64 15.44 18.37
C ILE A 32 31.06 15.52 19.79
N THR A 33 30.60 16.72 20.17
CA THR A 33 29.97 16.95 21.47
C THR A 33 28.54 17.46 21.30
N ALA A 34 27.80 17.48 22.41
CA ALA A 34 26.41 17.92 22.40
C ALA A 34 26.31 19.41 22.05
N LYS A 35 27.25 20.18 22.56
CA LYS A 35 27.32 21.62 22.31
C LYS A 35 27.58 21.90 20.83
N ASN A 36 28.54 21.18 20.26
CA ASN A 36 28.86 21.34 18.84
C ASN A 36 27.67 21.09 17.95
N VAL A 37 26.98 19.98 18.22
CA VAL A 37 25.81 19.59 17.44
C VAL A 37 24.76 20.69 17.51
N ASN A 38 24.47 21.17 18.72
CA ASN A 38 23.49 22.25 18.89
C ASN A 38 23.89 23.54 18.16
N ASP A 39 25.17 23.90 18.23
CA ASP A 39 25.69 25.05 17.48
C ASP A 39 25.56 24.91 15.96
N ILE A 40 25.84 23.71 15.45
CA ILE A 40 25.68 23.44 14.01
C ILE A 40 24.22 23.62 13.57
N LYS A 41 23.27 23.10 14.37
CA LYS A 41 21.85 23.23 14.03
C LYS A 41 21.43 24.68 14.05
N GLY A 42 21.98 25.45 14.99
CA GLY A 42 21.77 26.88 15.02
C GLY A 42 20.38 27.33 15.42
N VAL A 43 19.62 26.47 16.10
CA VAL A 43 18.30 26.84 16.60
C VAL A 43 18.47 27.36 18.01
N SER A 44 17.88 28.52 18.30
CA SER A 44 18.05 29.15 19.60
C SER A 44 17.08 28.54 20.61
N VAL A 45 17.62 27.99 21.70
CA VAL A 45 16.83 27.34 22.75
C VAL A 45 17.02 28.08 24.07
N LYS A 46 15.93 28.36 24.77
CA LYS A 46 16.01 29.11 26.03
C LYS A 46 16.93 28.43 27.04
N SER A 47 17.89 29.19 27.58
CA SER A 47 18.85 28.69 28.58
C SER A 47 18.21 28.37 29.93
N ASN A 48 17.17 29.10 30.29
CA ASN A 48 16.35 28.81 31.46
C ASN A 48 14.97 28.35 30.97
N PRO A 49 14.86 27.06 30.61
CA PRO A 49 13.68 26.63 29.84
C PRO A 49 12.37 26.69 30.60
N ASP A 50 11.32 27.06 29.89
CA ASP A 50 9.98 26.97 30.40
C ASP A 50 9.56 25.51 30.48
N TYR A 51 8.61 25.25 31.38
CA TYR A 51 8.03 23.92 31.61
C TYR A 51 9.03 22.88 32.14
N PHE A 52 10.21 23.31 32.56
CA PHE A 52 11.20 22.36 33.05
C PHE A 52 10.68 21.69 34.34
N GLY A 53 10.57 20.37 34.32
CA GLY A 53 10.09 19.62 35.47
C GLY A 53 8.64 19.88 35.80
N ALA A 54 7.87 20.38 34.84
CA ALA A 54 6.44 20.54 35.04
C ALA A 54 5.80 19.19 35.34
N ALA A 55 6.44 18.13 34.88
CA ALA A 55 6.02 16.76 35.14
C ALA A 55 7.13 15.95 35.80
N LYS A 56 7.92 16.59 36.68
CA LYS A 56 8.96 15.89 37.41
C LYS A 56 8.37 14.68 38.16
N GLY A 57 8.97 13.51 38.00
CA GLY A 57 8.56 12.30 38.71
C GLY A 57 7.35 11.58 38.13
N LYS A 58 6.78 12.07 37.04
CA LYS A 58 5.57 11.49 36.47
C LYS A 58 5.96 10.37 35.53
N ASN A 59 5.01 9.51 35.22
CA ASN A 59 5.25 8.45 34.27
C ASN A 59 5.25 9.03 32.86
N LEU A 60 5.66 8.21 31.90
CA LEU A 60 5.65 8.58 30.49
C LEU A 60 5.03 7.46 29.66
N ILE A 61 3.98 7.80 28.94
CA ILE A 61 3.33 6.89 27.99
C ILE A 61 3.34 7.52 26.60
N ILE A 62 3.91 6.79 25.65
CA ILE A 62 4.00 7.29 24.28
C ILE A 62 3.35 6.26 23.37
N VAL A 63 2.43 6.72 22.53
CA VAL A 63 1.78 5.85 21.55
C VAL A 63 2.11 6.33 20.13
N GLN A 64 2.74 5.44 19.37
CA GLN A 64 3.06 5.67 17.98
C GLN A 64 1.97 5.05 17.13
N LEU A 65 1.24 5.91 16.42
CA LEU A 65 0.06 5.50 15.65
C LEU A 65 0.38 5.26 14.17
N GLU A 66 0.23 4.01 13.75
CA GLU A 66 0.66 3.59 12.42
C GLU A 66 -0.07 4.31 11.28
N SER A 67 0.71 4.98 10.42
CA SER A 67 0.20 5.56 9.17
C SER A 67 -0.84 6.70 9.33
N PHE A 68 -0.93 7.29 10.52
CA PHE A 68 -1.73 8.50 10.74
C PHE A 68 -1.01 9.71 10.16
N GLN A 69 -1.71 10.53 9.38
CA GLN A 69 -1.15 11.78 8.84
C GLN A 69 -2.12 12.92 9.10
N ARG A 70 -1.58 14.10 9.38
CA ARG A 70 -2.37 15.22 9.86
C ARG A 70 -3.46 15.66 8.89
N ASN A 71 -3.19 15.64 7.59
CA ASN A 71 -4.20 16.05 6.62
C ASN A 71 -5.33 15.02 6.38
N LEU A 72 -5.24 13.85 7.04
CA LEU A 72 -6.36 12.90 7.07
C LEU A 72 -6.77 12.59 8.50
N THR A 73 -6.71 13.59 9.36
CA THR A 73 -7.29 13.53 10.69
C THR A 73 -8.26 14.69 10.81
N ASN A 74 -9.14 14.61 11.81
CA ASN A 74 -10.19 15.62 11.99
C ASN A 74 -11.02 15.81 10.72
N VAL A 75 -11.38 14.68 10.12
CA VAL A 75 -12.15 14.60 8.88
C VAL A 75 -13.49 13.98 9.22
N LYS A 76 -14.55 14.43 8.54
CA LYS A 76 -15.88 13.83 8.67
C LYS A 76 -16.32 13.31 7.32
N ILE A 77 -16.80 12.07 7.29
CA ILE A 77 -17.38 11.47 6.09
C ILE A 77 -18.88 11.35 6.30
N ASN A 78 -19.67 12.20 5.64
CA ASN A 78 -21.12 12.26 5.84
C ASN A 78 -21.50 12.34 7.31
N GLY A 79 -20.89 13.29 8.01
CA GLY A 79 -21.15 13.47 9.43
C GLY A 79 -20.43 12.51 10.37
N GLN A 80 -19.75 11.50 9.84
CA GLN A 80 -19.04 10.50 10.67
C GLN A 80 -17.58 10.92 10.86
N SER A 81 -17.20 11.19 12.11
CA SER A 81 -15.82 11.58 12.41
C SER A 81 -14.90 10.39 12.25
N ILE A 82 -13.79 10.59 11.56
CA ILE A 82 -12.82 9.52 11.34
C ILE A 82 -11.96 9.35 12.58
N THR A 83 -11.51 10.46 13.18
CA THR A 83 -10.65 10.42 14.36
C THR A 83 -11.22 11.21 15.54
N PRO A 84 -12.37 10.79 16.07
CA PRO A 84 -12.98 11.58 17.16
C PRO A 84 -12.12 11.64 18.44
N THR A 85 -11.34 10.61 18.71
CA THR A 85 -10.46 10.62 19.87
C THR A 85 -9.44 11.75 19.74
N LEU A 86 -8.76 11.83 18.60
CA LEU A 86 -7.75 12.88 18.41
C LEU A 86 -8.40 14.25 18.39
N ASP A 87 -9.57 14.35 17.78
CA ASP A 87 -10.26 15.64 17.71
C ASP A 87 -10.57 16.15 19.12
N GLY A 88 -11.05 15.25 19.98
CA GLY A 88 -11.37 15.60 21.38
C GLY A 88 -10.16 16.04 22.18
N LEU A 89 -8.99 15.47 21.90
CA LEU A 89 -7.76 15.84 22.62
C LEU A 89 -7.28 17.27 22.38
N GLN A 90 -7.66 17.86 21.25
CA GLN A 90 -7.22 19.23 20.92
C GLN A 90 -7.54 20.25 21.99
N ASN A 91 -8.67 20.07 22.68
CA ASN A 91 -9.06 21.00 23.76
C ASN A 91 -8.27 20.84 25.05
N GLU A 92 -7.60 19.71 25.23
CA GLU A 92 -6.93 19.43 26.50
C GLU A 92 -5.45 19.07 26.39
N THR A 93 -4.85 19.30 25.22
CA THR A 93 -3.42 19.00 25.04
C THR A 93 -2.71 20.16 24.35
N MET A 94 -1.38 20.09 24.34
CA MET A 94 -0.60 20.85 23.40
C MET A 94 -0.47 19.96 22.16
N TYR A 95 -0.80 20.51 21.00
CA TYR A 95 -0.78 19.73 19.77
C TYR A 95 -0.20 20.56 18.65
N SER A 96 0.23 19.90 17.57
CA SER A 96 0.87 20.58 16.46
C SER A 96 0.22 20.25 15.14
N ASN A 97 0.05 21.29 14.32
CA ASN A 97 -0.37 21.14 12.92
C ASN A 97 0.80 21.23 11.95
N GLN A 98 2.02 21.32 12.47
CA GLN A 98 3.23 21.33 11.64
C GLN A 98 4.30 20.50 12.32
N PHE A 99 3.98 19.22 12.53
CA PHE A 99 4.92 18.29 13.08
C PHE A 99 5.20 17.27 11.99
N PHE A 100 6.49 16.98 11.76
CA PHE A 100 6.87 16.20 10.59
C PHE A 100 7.52 14.85 10.90
N GLN A 101 7.25 13.89 10.05
CA GLN A 101 7.95 12.63 10.06
C GLN A 101 9.43 12.85 9.73
N THR A 102 10.30 12.06 10.33
CA THR A 102 11.72 12.03 9.99
C THR A 102 12.10 10.57 9.81
N VAL A 103 11.78 10.03 8.63
CA VAL A 103 12.02 8.61 8.34
C VAL A 103 12.78 8.43 7.03
N SER A 104 13.22 7.21 6.75
CA SER A 104 13.97 6.90 5.52
C SER A 104 13.46 5.58 4.90
N LYS A 105 14.32 4.58 4.75
CA LYS A 105 13.98 3.36 4.01
C LYS A 105 13.01 2.44 4.74
N SER A 106 13.09 2.38 6.07
CA SER A 106 12.26 1.48 6.86
C SER A 106 11.39 2.32 7.78
N ASN A 107 10.26 2.79 7.25
CA ASN A 107 9.57 3.92 7.85
C ASN A 107 9.20 3.78 9.34
N THR A 108 8.49 2.72 9.71
CA THR A 108 8.09 2.53 11.10
C THR A 108 9.30 2.44 12.04
N ALA A 109 10.28 1.64 11.67
CA ALA A 109 11.50 1.47 12.45
C ALA A 109 12.34 2.74 12.48
N ASP A 110 12.37 3.49 11.38
CA ASP A 110 13.02 4.80 11.35
C ASP A 110 12.34 5.81 12.29
N ALA A 111 11.02 5.74 12.41
CA ALA A 111 10.30 6.59 13.35
C ALA A 111 10.75 6.26 14.78
N GLU A 112 10.78 4.97 15.11
CA GLU A 112 11.21 4.53 16.43
C GLU A 112 12.64 4.96 16.67
N TRP A 113 13.51 4.78 15.67
CA TRP A 113 14.90 5.19 15.77
C TRP A 113 15.02 6.68 16.13
N SER A 114 14.31 7.52 15.37
CA SER A 114 14.30 8.97 15.56
C SER A 114 13.85 9.36 16.94
N VAL A 115 12.75 8.77 17.39
CA VAL A 115 12.17 9.10 18.67
C VAL A 115 13.06 8.63 19.84
N TYR A 116 13.55 7.39 19.79
CA TYR A 116 14.34 6.87 20.91
C TYR A 116 15.73 7.49 21.02
N THR A 117 16.35 7.76 19.88
CA THR A 117 17.77 8.18 19.84
C THR A 117 18.01 9.67 19.65
N SER A 118 17.03 10.40 19.12
CA SER A 118 17.23 11.80 18.69
C SER A 118 18.45 11.91 17.76
N THR A 119 18.62 10.90 16.90
CA THR A 119 19.57 10.95 15.81
C THR A 119 18.80 10.61 14.54
N PHE A 120 19.36 10.99 13.40
CA PHE A 120 18.68 10.80 12.13
C PHE A 120 18.74 9.36 11.63
N PRO A 121 17.67 8.89 11.00
CA PRO A 121 17.77 7.61 10.32
C PRO A 121 18.77 7.73 9.18
N SER A 122 19.34 6.62 8.76
CA SER A 122 20.35 6.65 7.71
C SER A 122 19.72 6.92 6.35
N GLY A 123 20.53 7.48 5.44
CA GLY A 123 20.14 7.61 4.04
C GLY A 123 20.26 6.31 3.28
N TYR A 124 20.97 5.35 3.88
CA TYR A 124 21.31 4.09 3.23
C TYR A 124 20.76 2.92 4.04
N TYR A 125 21.20 2.81 5.29
CA TYR A 125 20.90 1.63 6.10
C TYR A 125 19.50 1.72 6.71
N THR A 126 19.03 0.59 7.21
CA THR A 126 18.02 0.54 8.26
C THR A 126 18.79 0.50 9.58
N ASN A 127 18.76 1.60 10.33
CA ASN A 127 19.61 1.73 11.51
C ASN A 127 19.31 0.71 12.60
N THR A 128 18.06 0.29 12.72
CA THR A 128 17.72 -0.70 13.73
C THR A 128 18.38 -2.05 13.41
N GLN A 129 18.63 -2.31 12.12
CA GLN A 129 19.36 -3.50 11.70
C GLN A 129 20.85 -3.33 11.87
N THR A 130 21.40 -2.31 11.21
CA THR A 130 22.83 -2.09 11.16
C THR A 130 23.47 -1.79 12.53
N TYR A 131 22.74 -1.13 13.42
CA TYR A 131 23.33 -0.69 14.69
C TYR A 131 22.71 -1.34 15.91
N GLY A 132 21.99 -2.44 15.71
CA GLY A 132 21.44 -3.22 16.81
C GLY A 132 22.50 -3.87 17.69
N ASP A 133 23.75 -3.90 17.22
CA ASP A 133 24.86 -4.45 18.00
C ASP A 133 25.64 -3.39 18.81
N ARG A 134 25.10 -2.16 18.90
CA ARG A 134 25.77 -1.08 19.61
C ARG A 134 25.11 -0.79 20.95
N VAL A 135 25.83 -0.06 21.79
CA VAL A 135 25.27 0.51 23.01
C VAL A 135 24.86 1.93 22.63
N ILE A 136 23.55 2.15 22.50
CA ILE A 136 23.04 3.39 21.94
C ILE A 136 22.46 4.29 23.03
N PRO A 137 23.02 5.50 23.21
CA PRO A 137 22.41 6.47 24.12
C PRO A 137 21.00 6.81 23.63
N SER A 138 20.06 6.99 24.55
CA SER A 138 18.67 7.00 24.18
C SER A 138 17.78 7.51 25.28
N MET A 139 16.51 7.71 24.92
CA MET A 139 15.50 8.13 25.87
C MET A 139 15.23 7.06 26.94
N PRO A 140 14.97 5.80 26.54
CA PRO A 140 14.81 4.79 27.58
C PRO A 140 16.05 4.58 28.46
N ARG A 141 17.23 4.66 27.88
CA ARG A 141 18.44 4.50 28.66
C ARG A 141 18.58 5.63 29.68
N LEU A 142 18.36 6.86 29.24
CA LEU A 142 18.44 8.00 30.14
C LEU A 142 17.39 7.94 31.23
N LEU A 143 16.17 7.55 30.89
CA LEU A 143 15.12 7.41 31.88
C LEU A 143 15.45 6.28 32.88
N GLY A 144 16.07 5.21 32.40
CA GLY A 144 16.50 4.12 33.27
C GLY A 144 17.54 4.55 34.30
N LYS A 145 18.32 5.57 33.99
CA LYS A 145 19.26 6.15 34.96
C LYS A 145 18.61 7.13 35.93
N ASN A 146 17.32 7.41 35.71
CA ASN A 146 16.52 8.26 36.57
C ASN A 146 15.36 7.51 37.20
N ASP A 147 15.58 6.21 37.46
CA ASP A 147 14.63 5.36 38.22
C ASP A 147 13.32 5.00 37.50
N TYR A 148 13.34 5.06 36.17
CA TYR A 148 12.20 4.59 35.39
C TYR A 148 12.48 3.16 34.98
N LYS A 149 11.48 2.31 35.07
CA LYS A 149 11.47 1.05 34.36
C LYS A 149 10.89 1.35 32.99
N THR A 150 11.47 0.76 31.96
CA THR A 150 11.14 1.10 30.58
C THR A 150 10.70 -0.15 29.81
N ALA A 151 9.66 -0.01 29.00
CA ALA A 151 9.18 -1.11 28.19
C ALA A 151 8.59 -0.62 26.88
N THR A 152 8.66 -1.45 25.86
CA THR A 152 7.97 -1.17 24.59
C THR A 152 7.08 -2.36 24.24
N PHE A 153 5.94 -2.05 23.61
CA PHE A 153 4.87 -2.99 23.33
C PHE A 153 4.51 -2.92 21.86
N HIS A 154 4.49 -4.07 21.20
CA HIS A 154 4.05 -4.15 19.79
C HIS A 154 3.62 -5.60 19.54
N THR A 155 2.52 -5.81 18.83
CA THR A 155 1.93 -7.15 18.73
C THR A 155 2.54 -8.08 17.68
N ASN A 156 3.45 -7.57 16.84
CA ASN A 156 4.15 -8.42 15.90
C ASN A 156 5.43 -9.00 16.50
N ASP A 157 6.05 -9.94 15.78
CA ASP A 157 7.25 -10.59 16.24
CA ASP A 157 7.26 -10.60 16.24
C ASP A 157 8.44 -9.64 16.20
N ALA A 158 9.22 -9.65 17.27
CA ALA A 158 10.30 -8.69 17.43
C ALA A 158 11.50 -8.97 16.52
N SER A 159 11.53 -10.12 15.83
CA SER A 159 12.53 -10.32 14.78
C SER A 159 12.41 -9.27 13.65
N PHE A 160 11.21 -8.76 13.42
CA PHE A 160 10.99 -7.73 12.40
C PHE A 160 11.81 -6.46 12.67
N TYR A 161 12.53 -6.03 11.62
CA TYR A 161 13.42 -4.88 11.68
C TYR A 161 14.50 -4.99 12.77
N ASN A 162 14.82 -6.22 13.17
CA ASN A 162 15.85 -6.44 14.18
C ASN A 162 15.48 -5.85 15.55
N ARG A 163 14.19 -5.76 15.85
CA ARG A 163 13.74 -5.12 17.11
C ARG A 163 14.27 -5.85 18.34
N ASP A 164 14.37 -7.18 18.25
CA ASP A 164 14.84 -7.97 19.39
C ASP A 164 16.32 -7.69 19.75
N GLU A 165 17.09 -7.14 18.82
CA GLU A 165 18.43 -6.61 19.13
C GLU A 165 18.42 -5.10 19.37
N PHE A 166 17.62 -4.38 18.61
CA PHE A 166 17.54 -2.92 18.72
C PHE A 166 17.02 -2.45 20.08
N TYR A 167 16.00 -3.11 20.61
CA TYR A 167 15.41 -2.66 21.85
C TYR A 167 16.41 -2.75 23.04
N PRO A 168 17.17 -3.86 23.15
CA PRO A 168 18.31 -3.94 24.09
C PRO A 168 19.41 -2.92 23.80
N ALA A 169 19.70 -2.70 22.52
CA ALA A 169 20.71 -1.71 22.13
C ALA A 169 20.37 -0.31 22.65
N VAL A 170 19.11 0.08 22.62
CA VAL A 170 18.72 1.40 23.16
C VAL A 170 18.39 1.36 24.66
N GLY A 171 18.45 0.18 25.27
CA GLY A 171 18.36 0.07 26.73
C GLY A 171 16.95 0.02 27.30
N PHE A 172 15.98 -0.45 26.52
CA PHE A 172 14.68 -0.79 27.09
C PHE A 172 14.89 -1.96 28.05
N ASP A 173 14.27 -1.91 29.23
CA ASP A 173 14.37 -3.02 30.19
C ASP A 173 13.69 -4.27 29.64
N LYS A 174 12.55 -4.05 28.99
CA LYS A 174 11.76 -5.15 28.43
C LYS A 174 11.11 -4.72 27.12
N PHE A 175 10.87 -5.69 26.26
CA PHE A 175 9.94 -5.49 25.17
C PHE A 175 8.91 -6.61 25.18
N TYR A 176 7.68 -6.26 24.87
CA TYR A 176 6.59 -7.21 24.80
C TYR A 176 6.21 -7.33 23.34
N ASP A 177 6.35 -8.54 22.78
CA ASP A 177 6.10 -8.77 21.35
C ASP A 177 5.01 -9.84 21.17
N ARG A 178 4.91 -10.38 19.97
CA ARG A 178 3.84 -11.31 19.65
C ARG A 178 3.69 -12.45 20.68
N LYS A 179 4.80 -13.00 21.15
CA LYS A 179 4.78 -14.05 22.19
C LYS A 179 3.94 -13.68 23.41
N PHE A 180 3.99 -12.41 23.81
CA PHE A 180 3.19 -11.91 24.92
C PHE A 180 1.73 -11.73 24.55
N PHE A 181 1.46 -11.19 23.36
CA PHE A 181 0.10 -10.92 22.94
C PHE A 181 -0.28 -12.21 22.24
N GLY A 182 -1.55 -12.55 22.24
CA GLY A 182 -1.91 -13.88 21.76
C GLY A 182 -1.78 -14.06 20.26
N ASP A 183 -2.64 -14.93 19.75
CA ASP A 183 -3.02 -14.88 18.35
C ASP A 183 -4.52 -14.67 18.26
N GLU A 184 -5.10 -14.14 19.33
CA GLU A 184 -6.51 -13.75 19.31
C GLU A 184 -6.65 -12.44 18.54
N ASP A 185 -7.79 -12.31 17.86
CA ASP A 185 -8.22 -11.06 17.24
C ASP A 185 -7.15 -10.41 16.36
N VAL A 186 -6.65 -11.21 15.41
CA VAL A 186 -5.66 -10.74 14.45
C VAL A 186 -6.31 -9.81 13.42
N ILE A 187 -5.64 -8.68 13.16
CA ILE A 187 -6.02 -7.76 12.11
C ILE A 187 -4.76 -7.53 11.29
N GLY A 188 -4.84 -7.82 10.00
CA GLY A 188 -3.66 -7.86 9.17
C GLY A 188 -2.84 -9.09 9.55
N PHE A 189 -1.64 -8.87 10.05
CA PHE A 189 -0.73 -9.99 10.35
C PHE A 189 -0.41 -10.17 11.83
N SER A 190 -1.08 -9.43 12.70
CA SER A 190 -0.83 -9.57 14.14
C SER A 190 -2.01 -9.10 14.98
N PRO A 191 -1.98 -9.36 16.30
CA PRO A 191 -3.15 -9.01 17.09
C PRO A 191 -3.51 -7.53 16.97
N SER A 192 -4.80 -7.26 17.11
CA SER A 192 -5.36 -5.96 16.88
C SER A 192 -4.85 -4.94 17.90
N ASP A 193 -5.03 -3.66 17.60
CA ASP A 193 -4.78 -2.60 18.57
C ASP A 193 -5.59 -2.79 19.84
N GLU A 194 -6.81 -3.34 19.73
CA GLU A 194 -7.59 -3.64 20.94
C GLU A 194 -6.81 -4.56 21.87
N VAL A 195 -6.17 -5.58 21.31
CA VAL A 195 -5.40 -6.52 22.11
C VAL A 195 -4.14 -5.84 22.66
N LEU A 196 -3.51 -5.00 21.84
CA LEU A 196 -2.36 -4.22 22.30
C LEU A 196 -2.70 -3.48 23.60
N TYR A 197 -3.78 -2.70 23.59
CA TYR A 197 -4.08 -1.81 24.70
C TYR A 197 -4.62 -2.58 25.90
N ASN A 198 -5.45 -3.58 25.65
CA ASN A 198 -6.01 -4.41 26.72
C ASN A 198 -4.99 -5.26 27.45
N LYS A 199 -3.98 -5.76 26.77
CA LYS A 199 -2.95 -6.51 27.44
C LYS A 199 -1.85 -5.62 28.04
N ALA A 200 -1.61 -4.43 27.49
CA ALA A 200 -0.61 -3.53 28.06
C ALA A 200 -1.11 -2.84 29.34
N PHE A 201 -2.37 -2.44 29.34
CA PHE A 201 -2.89 -1.63 30.42
C PHE A 201 -2.70 -2.22 31.82
N PRO A 202 -3.03 -3.52 32.01
CA PRO A 202 -2.82 -4.10 33.35
C PRO A 202 -1.37 -4.03 33.83
N ILE A 203 -0.41 -4.10 32.91
CA ILE A 203 0.99 -4.01 33.29
C ILE A 203 1.31 -2.62 33.84
N LEU A 204 0.80 -1.60 33.15
CA LEU A 204 0.98 -0.21 33.57
C LEU A 204 0.27 0.05 34.90
N GLU A 205 -0.96 -0.47 35.03
CA GLU A 205 -1.74 -0.33 36.27
C GLU A 205 -1.01 -0.93 37.47
N GLU A 206 -0.34 -2.07 37.29
CA GLU A 206 0.38 -2.67 38.41
C GLU A 206 1.64 -1.89 38.78
N GLN A 207 2.32 -1.30 37.80
CA GLN A 207 3.47 -0.44 38.09
C GLN A 207 3.01 0.79 38.84
N TYR A 208 1.90 1.35 38.39
CA TYR A 208 1.32 2.53 39.01
C TYR A 208 0.96 2.25 40.49
N LYS A 209 0.27 1.14 40.74
CA LYS A 209 -0.13 0.78 42.11
C LYS A 209 1.05 0.48 43.03
N ASN A 210 2.14 -0.01 42.44
CA ASN A 210 3.33 -0.34 43.20
C ASN A 210 4.37 0.79 43.26
N ASN A 211 3.98 2.00 42.86
CA ASN A 211 4.87 3.16 42.92
C ASN A 211 6.15 3.01 42.12
N GLN A 212 6.06 2.34 40.97
CA GLN A 212 7.21 2.24 40.09
C GLN A 212 7.05 3.22 38.93
N LYS A 213 7.87 4.28 38.90
CA LYS A 213 7.86 5.19 37.75
C LYS A 213 8.18 4.39 36.50
N PHE A 214 7.43 4.63 35.43
CA PHE A 214 7.60 3.85 34.22
C PHE A 214 7.53 4.72 32.96
N TYR A 215 8.22 4.25 31.94
CA TYR A 215 8.05 4.72 30.56
C TYR A 215 7.56 3.51 29.76
N ALA A 216 6.38 3.65 29.17
CA ALA A 216 5.84 2.66 28.25
C ALA A 216 5.71 3.27 26.85
N GLN A 217 6.27 2.58 25.86
CA GLN A 217 6.11 2.94 24.44
C GLN A 217 5.24 1.88 23.77
N LEU A 218 4.13 2.29 23.18
CA LEU A 218 3.24 1.38 22.47
C LEU A 218 3.27 1.73 20.98
N ILE A 219 3.45 0.72 20.15
CA ILE A 219 3.49 0.87 18.70
C ILE A 219 2.26 0.18 18.14
N SER A 220 1.31 0.96 17.64
CA SER A 220 0.11 0.41 17.05
C SER A 220 0.35 -0.19 15.69
N VAL A 221 -0.56 -1.04 15.22
CA VAL A 221 -0.35 -1.69 13.93
C VAL A 221 -1.57 -1.89 13.02
N SER A 222 -2.74 -1.77 13.57
CA SER A 222 -3.94 -2.15 12.87
C SER A 222 -4.23 -1.30 11.64
N SER A 223 -3.74 -0.08 11.62
CA SER A 223 -3.86 0.82 10.47
C SER A 223 -2.67 0.78 9.51
N HIS A 224 -1.92 -0.32 9.56
CA HIS A 224 -0.86 -0.59 8.59
C HIS A 224 -1.51 -0.99 7.28
N MET A 225 -0.85 -0.65 6.17
CA MET A 225 -1.30 -1.07 4.85
C MET A 225 -1.26 -2.62 4.85
N PRO A 226 -2.22 -3.27 4.16
CA PRO A 226 -3.23 -2.77 3.22
C PRO A 226 -4.55 -2.29 3.83
N PHE A 227 -4.58 -1.99 5.11
CA PHE A 227 -5.75 -1.38 5.76
C PHE A 227 -6.98 -2.30 5.73
N ASP A 228 -6.74 -3.61 5.75
CA ASP A 228 -7.80 -4.60 5.66
C ASP A 228 -8.33 -4.97 7.06
N ILE A 229 -9.46 -4.37 7.42
CA ILE A 229 -10.12 -4.46 8.72
C ILE A 229 -11.26 -5.47 8.55
N PRO A 230 -11.41 -6.42 9.48
CA PRO A 230 -12.57 -7.33 9.39
C PRO A 230 -13.89 -6.57 9.22
N LYS A 231 -14.80 -7.14 8.44
CA LYS A 231 -16.08 -6.49 8.13
C LYS A 231 -16.88 -6.03 9.36
N ASP A 232 -16.90 -6.85 10.40
CA ASP A 232 -17.69 -6.52 11.60
C ASP A 232 -17.08 -5.37 12.41
N LYS A 233 -15.82 -5.02 12.11
CA LYS A 233 -15.13 -3.91 12.78
C LYS A 233 -15.11 -2.63 11.97
N GLN A 234 -15.66 -2.66 10.76
CA GLN A 234 -15.77 -1.45 9.96
C GLN A 234 -16.99 -0.66 10.39
N GLU A 235 -16.78 0.57 10.87
CA GLU A 235 -17.88 1.36 11.42
C GLU A 235 -18.24 2.59 10.61
N ILE A 236 -17.47 2.88 9.56
CA ILE A 236 -17.78 4.02 8.69
C ILE A 236 -18.59 3.51 7.50
N ASP A 237 -19.79 4.06 7.33
CA ASP A 237 -20.57 3.81 6.13
C ASP A 237 -20.01 4.71 5.03
N LEU A 238 -19.29 4.10 4.08
CA LEU A 238 -18.54 4.85 3.09
C LEU A 238 -19.44 5.25 1.92
N PRO A 239 -19.27 6.49 1.42
CA PRO A 239 -19.93 6.83 0.16
C PRO A 239 -19.35 6.05 -1.02
N SER A 240 -20.11 5.97 -2.09
CA SER A 240 -19.74 5.08 -3.18
C SER A 240 -18.44 5.48 -3.88
N ASP A 241 -18.04 6.75 -3.83
CA ASP A 241 -16.71 7.14 -4.37
C ASP A 241 -15.50 6.78 -3.46
N LEU A 242 -15.78 6.18 -2.30
CA LEU A 242 -14.72 5.60 -1.44
C LEU A 242 -14.74 4.05 -1.39
N LYS A 243 -15.85 3.44 -1.78
CA LYS A 243 -15.94 1.97 -1.85
C LYS A 243 -14.89 1.30 -2.76
N ASP A 244 -14.23 0.26 -2.25
CA ASP A 244 -13.17 -0.44 -3.01
C ASP A 244 -12.11 0.56 -3.46
N THR A 245 -11.70 1.46 -2.55
CA THR A 245 -10.55 2.29 -2.80
C THR A 245 -9.61 2.23 -1.61
N GLU A 246 -8.35 2.50 -1.91
CA GLU A 246 -7.32 2.53 -0.88
C GLU A 246 -7.67 3.52 0.20
N LEU A 247 -8.14 4.70 -0.18
CA LEU A 247 -8.51 5.72 0.79
C LEU A 247 -9.68 5.32 1.66
N GLY A 248 -10.67 4.64 1.07
CA GLY A 248 -11.81 4.14 1.84
C GLY A 248 -11.36 3.15 2.89
N ASN A 249 -10.52 2.20 2.48
CA ASN A 249 -10.01 1.20 3.41
C ASN A 249 -9.15 1.85 4.48
N TYR A 250 -8.36 2.84 4.08
CA TYR A 250 -7.54 3.61 5.02
C TYR A 250 -8.41 4.24 6.09
N PHE A 251 -9.48 4.91 5.67
CA PHE A 251 -10.37 5.56 6.65
C PHE A 251 -10.99 4.57 7.65
N GLU A 252 -11.38 3.38 7.21
CA GLU A 252 -11.92 2.37 8.13
C GLU A 252 -10.88 1.97 9.16
N ALA A 253 -9.64 1.80 8.69
CA ALA A 253 -8.57 1.33 9.55
C ALA A 253 -8.15 2.39 10.56
N VAL A 254 -8.01 3.63 10.09
CA VAL A 254 -7.69 4.74 11.00
C VAL A 254 -8.79 4.94 12.04
N HIS A 255 -10.04 4.81 11.61
CA HIS A 255 -11.15 4.97 12.53
C HIS A 255 -11.14 3.88 13.60
N TYR A 256 -10.87 2.65 13.19
CA TYR A 256 -10.74 1.56 14.13
C TYR A 256 -9.60 1.85 15.12
N ALA A 257 -8.45 2.21 14.60
CA ALA A 257 -7.30 2.52 15.47
C ALA A 257 -7.57 3.66 16.45
N ASP A 258 -8.20 4.73 15.97
CA ASP A 258 -8.57 5.87 16.82
C ASP A 258 -9.59 5.46 17.90
N LYS A 259 -10.54 4.61 17.53
CA LYS A 259 -11.52 4.10 18.50
C LYS A 259 -10.85 3.36 19.65
N GLN A 260 -9.94 2.45 19.31
CA GLN A 260 -9.26 1.66 20.30
C GLN A 260 -8.34 2.53 21.16
N LEU A 261 -7.71 3.54 20.56
CA LEU A 261 -6.94 4.52 21.34
C LEU A 261 -7.80 5.23 22.38
N GLY A 262 -9.01 5.61 21.99
CA GLY A 262 -9.94 6.29 22.89
C GLY A 262 -10.31 5.44 24.10
N GLU A 263 -10.53 4.15 23.87
CA GLU A 263 -10.83 3.22 24.96
C GLU A 263 -9.63 3.07 25.91
N PHE A 264 -8.42 3.05 25.37
CA PHE A 264 -7.19 3.03 26.17
C PHE A 264 -7.06 4.29 27.03
N ILE A 265 -7.31 5.46 26.44
CA ILE A 265 -7.27 6.73 27.18
C ILE A 265 -8.28 6.75 28.32
N GLN A 266 -9.48 6.26 28.06
CA GLN A 266 -10.50 6.24 29.10
C GLN A 266 -10.08 5.38 30.30
N LYS A 267 -9.41 4.26 30.02
CA LYS A 267 -8.89 3.41 31.09
C LYS A 267 -7.76 4.11 31.86
N LEU A 268 -6.89 4.84 31.16
CA LEU A 268 -5.85 5.64 31.82
C LEU A 268 -6.46 6.73 32.70
N LYS A 269 -7.56 7.33 32.24
CA LYS A 269 -8.24 8.37 33.04
C LYS A 269 -8.88 7.77 34.29
N ASP A 270 -9.68 6.72 34.12
CA ASP A 270 -10.37 6.06 35.24
C ASP A 270 -9.41 5.57 36.29
N SER A 271 -8.29 5.01 35.86
CA SER A 271 -7.33 4.42 36.76
C SER A 271 -6.52 5.44 37.57
N GLY A 272 -6.49 6.69 37.12
CA GLY A 272 -5.62 7.71 37.75
C GLY A 272 -4.28 7.87 37.06
N ILE A 273 -3.94 6.96 36.15
CA ILE A 273 -2.65 7.01 35.48
C ILE A 273 -2.52 8.30 34.64
N TRP A 274 -3.60 8.71 34.00
CA TRP A 274 -3.61 9.89 33.12
C TRP A 274 -3.14 11.14 33.88
N ASP A 275 -3.64 11.29 35.10
CA ASP A 275 -3.33 12.46 35.92
C ASP A 275 -1.94 12.40 36.52
N ASP A 276 -1.22 11.28 36.33
CA ASP A 276 0.12 11.09 36.87
C ASP A 276 1.15 10.78 35.80
N SER A 277 0.84 11.14 34.55
CA SER A 277 1.66 10.74 33.41
C SER A 277 1.74 11.83 32.35
N VAL A 278 2.91 11.95 31.74
CA VAL A 278 3.05 12.64 30.47
C VAL A 278 2.62 11.63 29.42
N VAL A 279 1.74 12.05 28.52
CA VAL A 279 1.28 11.20 27.44
C VAL A 279 1.49 11.90 26.11
N VAL A 280 2.13 11.20 25.18
CA VAL A 280 2.42 11.71 23.85
C VAL A 280 1.81 10.76 22.82
N PHE A 281 1.13 11.32 21.82
CA PHE A 281 0.63 10.55 20.68
C PHE A 281 1.17 11.16 19.40
N TYR A 282 1.68 10.34 18.50
CA TYR A 282 2.13 10.85 17.21
C TYR A 282 1.96 9.77 16.14
N GLY A 283 1.74 10.18 14.90
CA GLY A 283 1.70 9.25 13.79
C GLY A 283 3.13 8.93 13.37
N ASP A 284 3.42 7.69 13.00
CA ASP A 284 4.81 7.36 12.61
C ASP A 284 5.22 8.05 11.32
N HIS A 285 4.33 8.05 10.34
CA HIS A 285 4.61 8.64 9.04
C HIS A 285 3.32 8.58 8.23
N HIS A 286 3.31 9.34 7.13
CA HIS A 286 2.17 9.34 6.23
C HIS A 286 2.15 8.08 5.41
N ILE A 287 1.02 7.80 4.79
CA ILE A 287 0.93 6.69 3.87
C ILE A 287 0.18 7.03 2.57
N ILE A 288 -0.71 8.04 2.61
CA ILE A 288 -1.49 8.43 1.43
C ILE A 288 -0.87 9.65 0.77
N LYS A 289 -0.53 9.52 -0.51
CA LYS A 289 -0.06 10.66 -1.30
C LYS A 289 -1.29 11.40 -1.80
N THR A 290 -1.63 12.50 -1.12
CA THR A 290 -2.93 13.13 -1.34
C THR A 290 -3.05 13.82 -2.70
N ASP A 291 -1.94 14.28 -3.25
CA ASP A 291 -1.98 14.89 -4.59
C ASP A 291 -2.22 13.86 -5.70
N GLN A 292 -2.01 12.57 -5.38
CA GLN A 292 -2.26 11.48 -6.32
C GLN A 292 -3.65 10.90 -6.24
N LEU A 293 -4.48 11.39 -5.34
CA LEU A 293 -5.82 10.85 -5.18
C LEU A 293 -6.66 11.14 -6.42
N PRO A 294 -7.65 10.28 -6.70
CA PRO A 294 -8.62 10.65 -7.74
C PRO A 294 -9.26 11.98 -7.39
N GLU A 295 -9.54 12.78 -8.40
CA GLU A 295 -10.02 14.14 -8.19
C GLU A 295 -11.22 14.21 -7.25
N GLU A 296 -12.17 13.29 -7.39
CA GLU A 296 -13.35 13.33 -6.55
C GLU A 296 -13.12 12.88 -5.10
N GLN A 297 -11.98 12.24 -4.82
CA GLN A 297 -11.59 11.88 -3.45
C GLN A 297 -10.85 13.02 -2.73
N LYS A 298 -10.32 13.98 -3.48
CA LYS A 298 -9.55 15.06 -2.88
C LYS A 298 -10.36 15.92 -1.91
N LYS A 299 -11.69 15.98 -2.09
CA LYS A 299 -12.54 16.73 -1.16
C LYS A 299 -12.54 16.18 0.26
N TYR A 300 -12.04 14.96 0.45
CA TYR A 300 -11.97 14.35 1.76
C TYR A 300 -10.72 14.76 2.57
N VAL A 301 -9.73 15.36 1.91
CA VAL A 301 -8.49 15.75 2.57
C VAL A 301 -8.78 17.00 3.40
N ASN A 302 -8.26 17.03 4.62
CA ASN A 302 -8.43 18.17 5.49
C ASN A 302 -7.50 19.31 5.02
N ARG A 303 -8.09 20.46 4.64
CA ARG A 303 -7.32 21.59 4.12
C ARG A 303 -7.13 22.69 5.13
N SER A 304 -7.63 22.50 6.34
CA SER A 304 -7.71 23.59 7.31
C SER A 304 -6.35 24.13 7.73
N THR A 305 -5.32 23.28 7.71
CA THR A 305 -3.95 23.75 7.96
C THR A 305 -3.00 23.30 6.84
N GLN A 306 -3.52 23.27 5.62
CA GLN A 306 -2.78 22.84 4.45
C GLN A 306 -1.50 23.61 4.22
N LEU A 307 -0.43 22.89 3.89
CA LEU A 307 0.78 23.47 3.35
C LEU A 307 0.75 23.24 1.82
N LYS A 308 0.87 24.31 1.05
CA LYS A 308 0.82 24.18 -0.40
C LYS A 308 2.22 23.95 -0.95
N ALA A 309 2.85 22.90 -0.45
CA ALA A 309 4.15 22.47 -0.91
C ALA A 309 4.16 20.98 -0.67
N GLU A 310 4.71 20.23 -1.62
CA GLU A 310 4.86 18.80 -1.42
C GLU A 310 6.35 18.42 -1.48
N PRO A 311 6.75 17.45 -0.67
CA PRO A 311 5.89 16.58 0.13
C PRO A 311 5.54 17.11 1.53
N ALA A 312 5.75 18.40 1.78
CA ALA A 312 5.53 18.98 3.09
C ALA A 312 4.14 18.68 3.67
N ASP A 313 3.09 18.87 2.87
CA ASP A 313 1.75 18.72 3.43
C ASP A 313 1.51 17.30 3.94
N ASP A 314 1.88 16.32 3.14
CA ASP A 314 1.70 14.90 3.52
C ASP A 314 2.61 14.46 4.65
N TYR A 315 3.80 15.07 4.74
CA TYR A 315 4.77 14.67 5.76
C TYR A 315 4.35 15.11 7.17
N ARG A 316 3.27 15.88 7.29
CA ARG A 316 2.74 16.22 8.60
C ARG A 316 2.05 15.03 9.24
N ILE A 317 2.39 14.80 10.50
CA ILE A 317 1.86 13.69 11.30
C ILE A 317 1.21 14.31 12.51
N PRO A 318 0.13 13.69 13.01
CA PRO A 318 -0.42 14.26 14.22
C PRO A 318 0.55 14.17 15.40
N PHE A 319 0.46 15.13 16.30
CA PHE A 319 1.27 15.20 17.50
C PHE A 319 0.45 15.83 18.61
N PHE A 320 0.29 15.10 19.71
CA PHE A 320 -0.48 15.55 20.86
C PHE A 320 0.32 15.26 22.13
N LEU A 321 0.36 16.24 23.02
CA LEU A 321 1.09 16.09 24.26
C LEU A 321 0.22 16.51 25.44
N HIS A 322 0.15 15.63 26.43
CA HIS A 322 -0.56 15.86 27.66
C HIS A 322 0.42 15.78 28.83
N TYR A 323 0.25 16.64 29.83
CA TYR A 323 0.91 16.44 31.12
C TYR A 323 0.04 16.98 32.23
N PRO A 324 0.18 16.41 33.45
CA PRO A 324 -0.75 16.79 34.52
C PRO A 324 -0.58 18.25 34.92
N GLY A 325 -1.70 18.93 35.10
CA GLY A 325 -1.67 20.32 35.52
C GLY A 325 -1.25 21.28 34.43
N MET A 326 -1.36 20.86 33.17
CA MET A 326 -1.12 21.76 32.05
C MET A 326 -2.15 22.89 32.08
N GLU A 327 -1.69 24.13 32.02
CA GLU A 327 -2.61 25.27 32.06
C GLU A 327 -2.77 25.95 30.70
N ASN A 328 -1.95 25.54 29.74
CA ASN A 328 -1.76 26.25 28.49
C ASN A 328 -2.01 25.35 27.27
N PRO A 329 -3.17 24.65 27.21
CA PRO A 329 -3.42 23.77 26.06
C PRO A 329 -3.61 24.55 24.77
N GLY A 330 -3.33 23.92 23.64
CA GLY A 330 -3.54 24.53 22.34
C GLY A 330 -2.42 24.22 21.36
N GLU A 331 -2.40 24.99 20.28
CA GLU A 331 -1.51 24.72 19.15
C GLU A 331 -0.07 25.19 19.41
N ILE A 332 0.87 24.27 19.25
CA ILE A 332 2.29 24.61 19.31
C ILE A 332 2.70 25.26 17.96
N LYS A 333 3.26 26.46 18.00
CA LYS A 333 3.59 27.19 16.77
C LYS A 333 4.92 26.76 16.13
N ASN A 334 5.88 26.38 16.99
CA ASN A 334 7.21 25.98 16.55
C ASN A 334 7.13 24.60 15.90
N VAL A 335 7.79 24.43 14.75
CA VAL A 335 7.77 23.13 14.08
C VAL A 335 8.63 22.11 14.79
N GLY A 336 8.32 20.84 14.54
CA GLY A 336 9.09 19.77 15.11
C GLY A 336 9.00 18.54 14.24
N GLY A 337 9.89 17.61 14.54
CA GLY A 337 9.89 16.30 13.92
C GLY A 337 10.09 15.23 14.96
N GLU A 338 10.05 13.97 14.54
CA GLU A 338 10.19 12.87 15.48
C GLU A 338 11.49 12.93 16.28
N ILE A 339 12.58 13.38 15.67
CA ILE A 339 13.84 13.53 16.41
C ILE A 339 13.77 14.52 17.58
N ASP A 340 12.75 15.38 17.61
CA ASP A 340 12.57 16.38 18.65
C ASP A 340 11.78 15.89 19.88
N ILE A 341 11.18 14.71 19.82
CA ILE A 341 10.35 14.25 20.92
C ILE A 341 11.16 14.06 22.22
N MET A 342 12.35 13.45 22.13
CA MET A 342 13.15 13.18 23.33
C MET A 342 13.52 14.47 24.08
N PRO A 343 14.18 15.43 23.42
CA PRO A 343 14.52 16.64 24.19
C PRO A 343 13.28 17.38 24.73
N THR A 344 12.17 17.35 24.01
CA THR A 344 10.95 18.00 24.45
C THR A 344 10.43 17.32 25.73
N VAL A 345 10.41 15.99 25.73
CA VAL A 345 9.91 15.23 26.87
C VAL A 345 10.85 15.30 28.07
N MET A 346 12.16 15.19 27.84
CA MET A 346 13.12 15.24 28.95
C MET A 346 12.97 16.55 29.71
N ASN A 347 12.72 17.65 28.99
CA ASN A 347 12.50 18.93 29.66
C ASN A 347 11.26 18.91 30.57
N LEU A 348 10.15 18.39 30.07
CA LEU A 348 8.93 18.28 30.90
C LEU A 348 9.12 17.41 32.14
N LEU A 349 9.89 16.32 31.98
CA LEU A 349 10.18 15.39 33.09
C LEU A 349 11.27 15.91 34.05
N GLY A 350 11.86 17.05 33.75
CA GLY A 350 12.88 17.65 34.60
C GLY A 350 14.16 16.86 34.61
N ILE A 351 14.50 16.26 33.47
CA ILE A 351 15.71 15.47 33.39
C ILE A 351 16.78 16.20 32.58
N LYS A 352 17.96 16.35 33.18
CA LYS A 352 19.08 16.96 32.49
C LYS A 352 19.74 15.94 31.60
N THR A 353 19.99 16.34 30.37
CA THR A 353 20.56 15.45 29.37
C THR A 353 22.09 15.50 29.36
N GLY A 354 22.66 16.50 30.02
CA GLY A 354 24.11 16.61 30.19
C GLY A 354 24.89 16.60 28.89
N ASP A 355 25.78 15.61 28.75
CA ASP A 355 26.65 15.50 27.60
C ASP A 355 26.06 14.61 26.49
N GLN A 356 24.83 14.16 26.67
CA GLN A 356 24.24 13.29 25.66
C GLN A 356 23.92 14.08 24.39
N ILE A 357 24.41 13.56 23.27
CA ILE A 357 24.23 14.21 21.99
C ILE A 357 22.78 14.00 21.55
N MET A 358 22.11 15.10 21.22
CA MET A 358 20.74 15.06 20.68
C MET A 358 20.69 15.98 19.46
N PHE A 359 20.25 15.44 18.33
CA PHE A 359 20.13 16.23 17.11
C PHE A 359 18.80 16.94 17.04
N GLY A 360 17.84 16.48 17.84
CA GLY A 360 16.59 17.19 18.00
C GLY A 360 16.71 18.37 18.93
N THR A 361 15.63 19.14 19.01
CA THR A 361 15.52 20.35 19.80
C THR A 361 14.24 20.32 20.65
N ASP A 362 14.30 20.90 21.84
CA ASP A 362 13.14 21.05 22.71
C ASP A 362 12.17 22.04 22.04
N ILE A 363 11.08 21.53 21.50
CA ILE A 363 10.22 22.39 20.69
C ILE A 363 9.40 23.39 21.51
N LEU A 364 9.29 23.18 22.82
CA LEU A 364 8.57 24.14 23.66
C LEU A 364 9.46 25.30 24.15
N ASN A 365 10.74 25.26 23.82
CA ASN A 365 11.67 26.32 24.23
C ASN A 365 12.49 26.90 23.09
N SER A 366 11.94 26.80 21.88
CA SER A 366 12.55 27.42 20.71
C SER A 366 11.43 27.93 19.82
N SER A 367 11.76 28.81 18.88
CA SER A 367 10.77 29.36 17.96
C SER A 367 11.16 29.26 16.48
N ASN A 368 12.41 28.88 16.20
CA ASN A 368 12.92 28.83 14.83
C ASN A 368 13.42 27.44 14.46
N ASN A 369 12.81 26.41 15.02
CA ASN A 369 13.24 25.06 14.72
C ASN A 369 12.97 24.72 13.24
N TYR A 370 13.75 23.78 12.69
CA TYR A 370 13.52 23.29 11.36
C TYR A 370 13.84 21.81 11.34
N VAL A 371 13.37 21.13 10.32
CA VAL A 371 13.48 19.67 10.26
C VAL A 371 14.13 19.22 8.96
N PRO A 372 15.41 18.79 9.01
CA PRO A 372 16.06 18.14 7.87
C PRO A 372 15.39 16.84 7.45
N GLU A 373 15.35 16.58 6.15
CA GLU A 373 14.78 15.35 5.60
C GLU A 373 15.76 14.69 4.66
N ARG A 374 15.61 13.39 4.44
CA ARG A 374 16.50 12.67 3.52
C ARG A 374 15.77 11.49 2.88
N TYR A 375 16.49 10.78 2.02
CA TYR A 375 16.05 9.54 1.39
C TYR A 375 15.00 9.74 0.26
N THR A 376 13.82 10.23 0.62
CA THR A 376 12.81 10.58 -0.36
C THR A 376 13.03 12.00 -0.83
N MET A 377 13.89 12.72 -0.13
CA MET A 377 14.29 14.05 -0.53
C MET A 377 15.81 14.05 -0.50
N PRO A 378 16.42 14.86 -1.35
CA PRO A 378 17.89 14.92 -1.31
C PRO A 378 18.42 15.57 -0.04
N GLU A 379 19.65 15.19 0.32
CA GLU A 379 20.32 15.69 1.53
C GLU A 379 20.42 17.20 1.48
N GLY A 380 20.09 17.86 2.60
CA GLY A 380 20.04 19.31 2.65
C GLY A 380 18.62 19.84 2.52
N SER A 381 17.66 18.97 2.18
CA SER A 381 16.24 19.35 2.22
C SER A 381 15.80 19.58 3.65
N TYR A 382 14.91 20.54 3.88
CA TYR A 382 14.38 20.79 5.22
C TYR A 382 13.04 21.54 5.20
N PHE A 383 12.31 21.42 6.31
CA PHE A 383 11.05 22.12 6.54
C PHE A 383 11.20 23.13 7.65
N THR A 384 10.71 24.35 7.46
CA THR A 384 10.63 25.33 8.54
C THR A 384 9.17 25.58 8.90
N ASN A 385 8.88 26.56 9.75
CA ASN A 385 7.49 26.92 10.04
C ASN A 385 6.79 27.71 8.91
N SER A 386 7.53 28.11 7.88
CA SER A 386 6.92 28.88 6.79
C SER A 386 7.30 28.46 5.36
N TYR A 387 8.31 27.62 5.19
CA TYR A 387 8.69 27.15 3.85
C TYR A 387 9.47 25.85 3.89
N MET A 388 9.54 25.18 2.75
CA MET A 388 10.40 24.03 2.57
C MET A 388 11.47 24.32 1.52
N TYR A 389 12.65 23.76 1.73
CA TYR A 389 13.72 23.84 0.73
C TYR A 389 14.12 22.45 0.27
N GLN A 390 14.36 22.32 -1.03
CA GLN A 390 14.85 21.08 -1.61
C GLN A 390 15.92 21.40 -2.66
N PRO A 391 17.13 20.84 -2.50
CA PRO A 391 18.14 21.06 -3.54
C PRO A 391 17.88 20.20 -4.77
N ASP A 392 18.62 20.47 -5.83
CA ASP A 392 18.59 19.63 -7.03
C ASP A 392 20.04 19.18 -7.29
N GLU A 393 20.66 19.59 -8.40
CA GLU A 393 22.06 19.25 -8.67
C GLU A 393 22.98 19.98 -7.69
N SER A 394 22.52 21.14 -7.23
CA SER A 394 23.29 21.98 -6.31
C SER A 394 22.31 22.77 -5.48
N PHE A 395 22.82 23.56 -4.54
CA PHE A 395 21.98 24.46 -3.77
C PHE A 395 21.25 25.43 -4.68
N GLU A 396 22.00 26.02 -5.62
CA GLU A 396 21.51 27.14 -6.42
C GLU A 396 20.42 26.72 -7.41
N THR A 397 20.42 25.45 -7.80
CA THR A 397 19.40 24.91 -8.72
C THR A 397 18.20 24.30 -7.98
N GLY A 398 18.20 24.39 -6.65
CA GLY A 398 17.09 23.93 -5.86
C GLY A 398 15.97 24.94 -5.80
N ALA A 399 15.03 24.73 -4.89
CA ALA A 399 13.86 25.57 -4.79
C ALA A 399 13.35 25.65 -3.35
N ALA A 400 13.08 26.86 -2.89
CA ALA A 400 12.38 27.08 -1.64
C ALA A 400 10.95 27.43 -1.99
N THR A 401 10.01 26.77 -1.33
CA THR A 401 8.59 27.00 -1.56
C THR A 401 7.93 27.36 -0.24
N ASN A 402 7.34 28.54 -0.18
CA ASN A 402 6.52 28.96 0.94
C ASN A 402 5.27 28.09 1.07
N TYR A 403 4.73 28.00 2.28
CA TYR A 403 3.58 27.14 2.54
C TYR A 403 2.27 27.67 1.95
N ASP A 404 2.25 28.93 1.51
CA ASP A 404 1.14 29.43 0.70
C ASP A 404 1.27 29.07 -0.79
N GLY A 405 2.33 28.37 -1.17
CA GLY A 405 2.54 27.91 -2.55
C GLY A 405 3.48 28.75 -3.40
N THR A 406 3.83 29.95 -2.92
CA THR A 406 4.69 30.84 -3.68
C THR A 406 6.15 30.46 -3.57
N ASN A 407 6.92 30.85 -4.58
CA ASN A 407 8.36 30.65 -4.57
C ASN A 407 9.02 31.57 -3.55
N LYS A 408 10.10 31.09 -2.93
CA LYS A 408 10.89 31.89 -2.02
C LYS A 408 12.30 31.96 -2.56
N GLU A 409 12.82 33.18 -2.67
CA GLU A 409 14.17 33.39 -3.18
C GLU A 409 15.21 32.73 -2.27
N LEU A 410 16.25 32.18 -2.88
CA LEU A 410 17.29 31.47 -2.16
C LEU A 410 18.25 32.45 -1.50
N SER A 411 17.81 33.01 -0.37
CA SER A 411 18.59 33.97 0.39
C SER A 411 19.67 33.29 1.25
N SER A 412 20.43 34.12 1.97
CA SER A 412 21.50 33.66 2.84
C SER A 412 21.03 32.71 3.94
N ASP A 413 19.90 33.04 4.57
CA ASP A 413 19.33 32.18 5.61
C ASP A 413 18.87 30.83 5.05
N VAL A 414 18.39 30.81 3.82
CA VAL A 414 17.99 29.56 3.17
C VAL A 414 19.23 28.70 2.95
N LYS A 415 20.31 29.35 2.57
CA LYS A 415 21.59 28.69 2.35
C LYS A 415 22.19 28.14 3.66
N LYS A 416 22.10 28.93 4.73
CA LYS A 416 22.63 28.50 6.02
C LYS A 416 21.95 27.24 6.54
N ARG A 417 20.63 27.15 6.39
CA ARG A 417 19.91 25.97 6.84
C ARG A 417 20.20 24.75 5.97
N PHE A 418 20.43 24.97 4.68
CA PHE A 418 20.83 23.89 3.78
C PHE A 418 22.18 23.33 4.22
N ASP A 419 23.15 24.21 4.46
CA ASP A 419 24.49 23.79 4.88
C ASP A 419 24.45 23.10 6.24
N ALA A 420 23.75 23.70 7.20
CA ALA A 420 23.56 23.09 8.51
C ALA A 420 22.90 21.72 8.41
N SER A 421 21.83 21.62 7.61
CA SER A 421 21.16 20.33 7.44
C SER A 421 22.11 19.25 6.93
N ARG A 422 22.88 19.55 5.91
CA ARG A 422 23.81 18.56 5.39
C ARG A 422 24.87 18.20 6.42
N LYS A 423 25.38 19.19 7.15
CA LYS A 423 26.41 18.93 8.16
C LYS A 423 25.86 18.09 9.32
N LEU A 424 24.64 18.41 9.75
CA LEU A 424 23.96 17.65 10.80
C LEU A 424 23.80 16.18 10.44
N LEU A 425 23.39 15.92 9.20
CA LEU A 425 23.24 14.54 8.73
C LEU A 425 24.60 13.81 8.73
N GLN A 426 25.65 14.48 8.28
CA GLN A 426 27.00 13.92 8.30
C GLN A 426 27.42 13.57 9.73
N TYR A 427 27.26 14.52 10.62
CA TYR A 427 27.60 14.33 12.03
C TYR A 427 26.79 13.21 12.66
N SER A 428 25.48 13.18 12.43
CA SER A 428 24.64 12.12 12.99
C SER A 428 25.08 10.76 12.46
N ASP A 429 25.32 10.65 11.15
CA ASP A 429 25.79 9.39 10.58
C ASP A 429 27.14 8.96 11.19
N SER A 430 28.06 9.91 11.34
CA SER A 430 29.38 9.62 11.90
C SER A 430 29.30 9.23 13.37
N TYR A 431 28.52 9.98 14.14
CA TYR A 431 28.29 9.70 15.54
C TYR A 431 27.71 8.30 15.76
N VAL A 432 26.67 7.96 14.99
CA VAL A 432 26.02 6.66 15.12
C VAL A 432 26.98 5.55 14.71
N ASN A 433 27.74 5.79 13.65
CA ASN A 433 28.68 4.78 13.16
C ASN A 433 29.81 4.50 14.15
N ASN A 434 30.18 5.49 14.96
CA ASN A 434 31.23 5.34 15.97
C ASN A 434 30.77 4.85 17.34
N LEU A 435 29.50 4.50 17.50
CA LEU A 435 29.00 4.02 18.80
C LEU A 435 29.67 2.69 19.17
N PRO A 436 30.00 2.51 20.47
CA PRO A 436 30.67 1.28 20.89
C PRO A 436 29.82 0.02 20.73
N LEU A 437 30.50 -1.11 20.54
CA LEU A 437 29.85 -2.40 20.41
C LEU A 437 29.40 -2.91 21.78
N ARG A 438 28.27 -3.60 21.81
CA ARG A 438 27.74 -4.20 23.05
C ARG A 438 28.62 -5.32 23.58
N ASN A 439 29.31 -6.02 22.68
CA ASN A 439 30.23 -7.10 23.05
C ASN A 439 31.69 -6.66 22.96
N ASP B 31 22.57 -4.18 -15.52
CA ASP B 31 23.03 -5.56 -15.88
C ASP B 31 21.89 -6.60 -15.91
N ILE B 32 20.65 -6.18 -15.67
CA ILE B 32 19.47 -7.06 -15.70
C ILE B 32 19.11 -7.34 -17.15
N THR B 33 19.09 -8.61 -17.54
CA THR B 33 18.70 -9.03 -18.87
C THR B 33 17.49 -9.96 -18.83
N ALA B 34 16.91 -10.20 -20.00
CA ALA B 34 15.73 -11.07 -20.12
C ALA B 34 16.06 -12.50 -19.71
N LYS B 35 17.26 -12.95 -20.12
CA LYS B 35 17.73 -14.28 -19.80
C LYS B 35 17.90 -14.46 -18.30
N ASN B 36 18.53 -13.49 -17.65
CA ASN B 36 18.75 -13.54 -16.21
C ASN B 36 17.44 -13.66 -15.45
N VAL B 37 16.48 -12.85 -15.83
CA VAL B 37 15.17 -12.84 -15.18
C VAL B 37 14.52 -14.20 -15.32
N ASN B 38 14.50 -14.74 -16.53
CA ASN B 38 13.93 -16.07 -16.77
C ASN B 38 14.62 -17.15 -15.95
N ASP B 39 15.96 -17.11 -15.88
CA ASP B 39 16.72 -18.06 -15.07
C ASP B 39 16.40 -17.96 -13.59
N ILE B 40 16.25 -16.75 -13.07
CA ILE B 40 15.86 -16.54 -11.67
C ILE B 40 14.48 -17.17 -11.39
N LYS B 41 13.52 -16.96 -12.29
CA LYS B 41 12.18 -17.52 -12.09
C LYS B 41 12.23 -19.05 -12.11
N GLY B 42 13.07 -19.61 -12.97
CA GLY B 42 13.32 -21.03 -12.97
C GLY B 42 12.19 -21.88 -13.51
N VAL B 43 11.27 -21.29 -14.29
CA VAL B 43 10.19 -22.06 -14.89
C VAL B 43 10.65 -22.52 -16.27
N SER B 44 10.47 -23.80 -16.58
CA SER B 44 10.97 -24.35 -17.82
C SER B 44 9.95 -24.05 -18.93
N VAL B 45 10.40 -23.36 -19.98
CA VAL B 45 9.55 -23.00 -21.11
C VAL B 45 10.08 -23.66 -22.38
N LYS B 46 9.22 -24.30 -23.15
CA LYS B 46 9.65 -25.00 -24.35
C LYS B 46 10.41 -24.09 -25.31
N SER B 47 11.61 -24.50 -25.72
CA SER B 47 12.48 -23.74 -26.63
CA SER B 47 12.46 -23.71 -26.62
C SER B 47 11.90 -23.64 -28.04
N ASN B 48 11.18 -24.68 -28.45
CA ASN B 48 10.44 -24.69 -29.70
C ASN B 48 8.94 -24.68 -29.35
N PRO B 49 8.40 -23.50 -29.02
CA PRO B 49 7.07 -23.43 -28.41
C PRO B 49 5.92 -23.91 -29.29
N ASP B 50 4.98 -24.57 -28.65
CA ASP B 50 3.72 -24.91 -29.29
C ASP B 50 2.88 -23.65 -29.46
N TYR B 51 2.00 -23.69 -30.47
CA TYR B 51 1.06 -22.60 -30.80
C TYR B 51 1.75 -21.31 -31.27
N PHE B 52 3.04 -21.35 -31.58
CA PHE B 52 3.73 -20.16 -32.00
C PHE B 52 3.18 -19.68 -33.34
N GLY B 53 2.63 -18.47 -33.35
CA GLY B 53 2.04 -17.93 -34.57
C GLY B 53 0.78 -18.64 -35.00
N ALA B 54 0.13 -19.36 -34.10
CA ALA B 54 -1.18 -19.98 -34.41
C ALA B 54 -2.20 -18.90 -34.79
N ALA B 55 -1.98 -17.68 -34.29
CA ALA B 55 -2.81 -16.54 -34.65
C ALA B 55 -1.96 -15.43 -35.25
N LYS B 56 -0.93 -15.79 -36.02
CA LYS B 56 -0.10 -14.80 -36.70
C LYS B 56 -1.02 -13.90 -37.54
N GLY B 57 -0.86 -12.58 -37.40
CA GLY B 57 -1.60 -11.61 -38.20
C GLY B 57 -3.02 -11.32 -37.79
N LYS B 58 -3.46 -11.91 -36.69
CA LYS B 58 -4.82 -11.69 -36.22
C LYS B 58 -4.87 -10.48 -35.29
N ASN B 59 -6.06 -9.91 -35.13
CA ASN B 59 -6.25 -8.81 -34.20
C ASN B 59 -6.20 -9.35 -32.78
N LEU B 60 -6.15 -8.45 -31.81
CA LEU B 60 -6.15 -8.79 -30.39
C LEU B 60 -7.17 -7.90 -29.66
N ILE B 61 -8.13 -8.54 -29.03
CA ILE B 61 -9.11 -7.87 -28.18
C ILE B 61 -9.00 -8.45 -26.77
N ILE B 62 -8.78 -7.59 -25.78
CA ILE B 62 -8.65 -8.02 -24.40
C ILE B 62 -9.65 -7.23 -23.55
N VAL B 63 -10.48 -7.96 -22.82
CA VAL B 63 -11.47 -7.34 -21.94
C VAL B 63 -11.14 -7.69 -20.48
N GLN B 64 -10.93 -6.65 -19.70
CA GLN B 64 -10.66 -6.74 -18.27
C GLN B 64 -11.97 -6.49 -17.54
N LEU B 65 -12.46 -7.52 -16.88
CA LEU B 65 -13.78 -7.52 -16.25
C LEU B 65 -13.68 -7.17 -14.76
N GLU B 66 -14.25 -6.02 -14.39
CA GLU B 66 -14.13 -5.49 -13.05
C GLU B 66 -14.70 -6.42 -11.98
N SER B 67 -13.85 -6.80 -11.02
CA SER B 67 -14.26 -7.51 -9.80
C SER B 67 -14.86 -8.91 -10.01
N PHE B 68 -14.65 -9.52 -11.19
CA PHE B 68 -15.00 -10.92 -11.42
C PHE B 68 -13.97 -11.84 -10.71
N GLN B 69 -14.45 -12.83 -9.96
CA GLN B 69 -13.58 -13.83 -9.32
C GLN B 69 -14.10 -15.21 -9.63
N ARG B 70 -13.19 -16.15 -9.82
CA ARG B 70 -13.54 -17.47 -10.32
C ARG B 70 -14.53 -18.22 -9.42
N ASN B 71 -14.40 -18.08 -8.10
CA ASN B 71 -15.32 -18.81 -7.19
C ASN B 71 -16.71 -18.19 -7.09
N LEU B 72 -16.94 -17.08 -7.79
CA LEU B 72 -18.30 -16.55 -7.97
C LEU B 72 -18.66 -16.41 -9.45
N THR B 73 -18.18 -17.34 -10.27
CA THR B 73 -18.62 -17.49 -11.63
C THR B 73 -19.13 -18.91 -11.80
N ASN B 74 -19.88 -19.15 -12.87
CA ASN B 74 -20.50 -20.45 -13.10
C ASN B 74 -21.34 -20.89 -11.89
N VAL B 75 -22.09 -19.93 -11.37
CA VAL B 75 -22.98 -20.12 -10.22
C VAL B 75 -24.41 -20.00 -10.73
N LYS B 76 -25.31 -20.77 -10.13
CA LYS B 76 -26.75 -20.67 -10.40
C LYS B 76 -27.47 -20.29 -9.12
N ILE B 77 -28.35 -19.29 -9.19
CA ILE B 77 -29.19 -18.90 -8.07
C ILE B 77 -30.61 -19.30 -8.42
N ASN B 78 -31.12 -20.35 -7.77
CA ASN B 78 -32.45 -20.91 -8.07
C ASN B 78 -32.65 -21.15 -9.56
N GLY B 79 -31.70 -21.86 -10.17
CA GLY B 79 -31.74 -22.14 -11.59
C GLY B 79 -31.30 -21.02 -12.52
N GLN B 80 -31.05 -19.82 -12.00
CA GLN B 80 -30.64 -18.67 -12.83
C GLN B 80 -29.11 -18.56 -12.88
N SER B 81 -28.54 -18.69 -14.08
CA SER B 81 -27.09 -18.61 -14.25
C SER B 81 -26.63 -17.17 -14.07
N ILE B 82 -25.57 -16.98 -13.28
CA ILE B 82 -25.03 -15.65 -13.05
C ILE B 82 -24.15 -15.21 -14.21
N THR B 83 -23.30 -16.12 -14.70
CA THR B 83 -22.40 -15.81 -15.80
C THR B 83 -22.56 -16.78 -16.97
N PRO B 84 -23.75 -16.80 -17.60
CA PRO B 84 -23.95 -17.71 -18.73
C PRO B 84 -23.01 -17.46 -19.93
N THR B 85 -22.60 -16.21 -20.19
CA THR B 85 -21.64 -15.94 -21.27
C THR B 85 -20.33 -16.67 -21.00
N LEU B 86 -19.79 -16.51 -19.80
CA LEU B 86 -18.51 -17.17 -19.47
C LEU B 86 -18.66 -18.68 -19.45
N ASP B 87 -19.78 -19.16 -18.94
CA ASP B 87 -20.03 -20.60 -18.88
C ASP B 87 -20.06 -21.20 -20.28
N GLY B 88 -20.71 -20.51 -21.23
CA GLY B 88 -20.79 -20.93 -22.62
C GLY B 88 -19.43 -20.93 -23.32
N LEU B 89 -18.56 -20.00 -22.96
CA LEU B 89 -17.21 -19.94 -23.57
C LEU B 89 -16.32 -21.13 -23.22
N GLN B 90 -16.60 -21.81 -22.10
CA GLN B 90 -15.79 -22.96 -21.69
C GLN B 90 -15.66 -24.04 -22.76
N ASN B 91 -16.70 -24.23 -23.55
CA ASN B 91 -16.68 -25.22 -24.64
C ASN B 91 -15.86 -24.81 -25.86
N GLU B 92 -15.57 -23.53 -26.00
CA GLU B 92 -14.91 -23.05 -27.22
C GLU B 92 -13.65 -22.23 -26.97
N THR B 93 -13.11 -22.26 -25.76
CA THR B 93 -11.89 -21.52 -25.45
C THR B 93 -10.92 -22.38 -24.66
N MET B 94 -9.70 -21.88 -24.52
CA MET B 94 -8.81 -22.34 -23.48
C MET B 94 -9.09 -21.45 -22.27
N TYR B 95 -9.36 -22.07 -21.13
CA TYR B 95 -9.70 -21.31 -19.94
C TYR B 95 -9.00 -21.91 -18.74
N SER B 96 -8.92 -21.13 -17.67
CA SER B 96 -8.22 -21.56 -16.47
C SER B 96 -9.05 -21.45 -15.23
N ASN B 97 -8.98 -22.47 -14.39
CA ASN B 97 -9.56 -22.46 -13.04
C ASN B 97 -8.53 -22.18 -11.97
N GLN B 98 -7.30 -21.86 -12.39
CA GLN B 98 -6.23 -21.51 -11.46
C GLN B 98 -5.41 -20.36 -12.05
N PHE B 99 -6.09 -19.26 -12.30
CA PHE B 99 -5.43 -18.08 -12.81
C PHE B 99 -5.59 -17.01 -11.76
N PHE B 100 -4.49 -16.33 -11.42
CA PHE B 100 -4.48 -15.47 -10.23
C PHE B 100 -4.25 -13.99 -10.50
N GLN B 101 -4.90 -13.16 -9.70
CA GLN B 101 -4.63 -11.73 -9.70
C GLN B 101 -3.20 -11.48 -9.22
N THR B 102 -2.56 -10.46 -9.77
CA THR B 102 -1.27 -9.99 -9.33
C THR B 102 -1.37 -8.48 -9.15
N VAL B 103 -1.93 -8.05 -8.04
CA VAL B 103 -2.20 -6.65 -7.81
C VAL B 103 -1.65 -6.22 -6.47
N SER B 104 -1.66 -4.92 -6.21
CA SER B 104 -1.09 -4.35 -5.01
C SER B 104 -2.00 -3.24 -4.46
N LYS B 105 -1.48 -2.02 -4.32
CA LYS B 105 -2.16 -0.91 -3.65
C LYS B 105 -3.38 -0.39 -4.42
N SER B 106 -3.27 -0.36 -5.73
CA SER B 106 -4.30 0.20 -6.58
C SER B 106 -4.83 -0.88 -7.53
N ASN B 107 -5.80 -1.65 -7.08
CA ASN B 107 -6.04 -2.96 -7.67
C ASN B 107 -6.31 -2.97 -9.20
N THR B 108 -7.27 -2.18 -9.67
CA THR B 108 -7.59 -2.14 -11.08
C THR B 108 -6.37 -1.69 -11.94
N ALA B 109 -5.72 -0.62 -11.51
CA ALA B 109 -4.55 -0.10 -12.20
C ALA B 109 -3.36 -1.06 -12.13
N ASP B 110 -3.20 -1.75 -11.01
CA ASP B 110 -2.17 -2.77 -10.88
C ASP B 110 -2.40 -3.96 -11.82
N ALA B 111 -3.67 -4.29 -12.06
CA ALA B 111 -3.99 -5.32 -13.03
C ALA B 111 -3.54 -4.89 -14.42
N GLU B 112 -3.90 -3.66 -14.81
CA GLU B 112 -3.49 -3.13 -16.09
C GLU B 112 -1.97 -3.11 -16.19
N TRP B 113 -1.31 -2.63 -15.12
CA TRP B 113 0.15 -2.58 -15.08
C TRP B 113 0.76 -3.96 -15.39
N SER B 114 0.28 -4.96 -14.67
CA SER B 114 0.76 -6.35 -14.79
C SER B 114 0.58 -6.87 -16.21
N VAL B 115 -0.59 -6.63 -16.77
CA VAL B 115 -0.90 -7.14 -18.09
C VAL B 115 -0.08 -6.43 -19.18
N TYR B 116 -0.01 -5.11 -19.14
CA TYR B 116 0.69 -4.38 -20.22
C TYR B 116 2.22 -4.55 -20.16
N THR B 117 2.79 -4.62 -18.95
CA THR B 117 4.24 -4.54 -18.77
C THR B 117 4.91 -5.88 -18.50
N SER B 118 4.16 -6.88 -18.03
CA SER B 118 4.73 -8.12 -17.53
C SER B 118 5.81 -7.85 -16.47
N THR B 119 5.57 -6.84 -15.64
CA THR B 119 6.40 -6.58 -14.46
C THR B 119 5.44 -6.51 -13.28
N PHE B 120 5.97 -6.69 -12.07
CA PHE B 120 5.14 -6.71 -10.87
C PHE B 120 4.71 -5.32 -10.44
N PRO B 121 3.48 -5.20 -9.92
CA PRO B 121 3.13 -3.94 -9.30
C PRO B 121 3.99 -3.75 -8.06
N SER B 122 4.16 -2.52 -7.64
CA SER B 122 5.02 -2.22 -6.50
C SER B 122 4.41 -2.67 -5.18
N GLY B 123 5.26 -2.94 -4.20
CA GLY B 123 4.82 -3.18 -2.82
C GLY B 123 4.49 -1.86 -2.10
N TYR B 124 4.92 -0.75 -2.68
CA TYR B 124 4.96 0.56 -2.02
C TYR B 124 4.19 1.62 -2.84
N TYR B 125 4.53 1.75 -4.13
CA TYR B 125 3.89 2.74 -5.04
C TYR B 125 2.64 2.23 -5.77
N THR B 126 1.89 3.15 -6.35
CA THR B 126 1.01 2.87 -7.48
C THR B 126 1.83 3.14 -8.73
N ASN B 127 2.20 2.08 -9.44
CA ASN B 127 3.16 2.21 -10.54
C ASN B 127 2.66 3.09 -11.68
N THR B 128 1.34 3.08 -11.92
CA THR B 128 0.82 3.90 -13.00
C THR B 128 1.00 5.38 -12.67
N GLN B 129 1.04 5.72 -11.39
CA GLN B 129 1.30 7.10 -10.94
C GLN B 129 2.79 7.38 -10.99
N THR B 130 3.55 6.60 -10.25
CA THR B 130 4.98 6.85 -10.08
C THR B 130 5.80 6.75 -11.36
N TYR B 131 5.40 5.87 -12.28
CA TYR B 131 6.21 5.64 -13.48
C TYR B 131 5.54 6.05 -14.79
N GLY B 132 4.49 6.87 -14.67
CA GLY B 132 3.83 7.43 -15.84
C GLY B 132 4.71 8.38 -16.65
N ASP B 133 5.85 8.79 -16.08
CA ASP B 133 6.81 9.65 -16.77
C ASP B 133 7.94 8.88 -17.46
N ARG B 134 7.83 7.55 -17.56
CA ARG B 134 8.86 6.73 -18.17
C ARG B 134 8.45 6.24 -19.56
N VAL B 135 9.44 5.78 -20.30
CA VAL B 135 9.22 5.06 -21.54
C VAL B 135 9.23 3.59 -21.15
N ILE B 136 8.05 2.97 -21.13
CA ILE B 136 7.91 1.64 -20.60
C ILE B 136 7.76 0.61 -21.70
N PRO B 137 8.70 -0.36 -21.79
CA PRO B 137 8.50 -1.47 -22.70
C PRO B 137 7.22 -2.23 -22.33
N SER B 138 6.48 -2.68 -23.33
CA SER B 138 5.15 -3.15 -23.08
C SER B 138 4.57 -3.93 -24.24
N MET B 139 3.41 -4.51 -23.97
CA MET B 139 2.66 -5.23 -24.99
C MET B 139 2.18 -4.31 -26.11
N PRO B 140 1.51 -3.18 -25.78
CA PRO B 140 1.11 -2.28 -26.87
C PRO B 140 2.29 -1.70 -27.65
N ARG B 141 3.39 -1.40 -26.98
CA ARG B 141 4.56 -0.88 -27.66
C ARG B 141 5.13 -1.92 -28.63
N LEU B 142 5.27 -3.15 -28.17
CA LEU B 142 5.77 -4.22 -29.03
C LEU B 142 4.83 -4.50 -30.19
N LEU B 143 3.52 -4.50 -29.95
CA LEU B 143 2.56 -4.72 -31.02
C LEU B 143 2.59 -3.58 -32.04
N GLY B 144 2.82 -2.36 -31.57
CA GLY B 144 2.95 -1.22 -32.44
C GLY B 144 4.12 -1.31 -33.42
N LYS B 145 5.15 -2.08 -33.05
CA LYS B 145 6.29 -2.36 -33.94
C LYS B 145 6.03 -3.54 -34.87
N ASN B 146 4.85 -4.15 -34.73
CA ASN B 146 4.43 -5.24 -35.60
C ASN B 146 3.14 -4.92 -36.32
N ASP B 147 2.95 -3.66 -36.65
CA ASP B 147 1.88 -3.19 -37.51
C ASP B 147 0.50 -3.26 -36.87
N TYR B 148 0.44 -3.21 -35.54
CA TYR B 148 -0.82 -3.05 -34.82
C TYR B 148 -1.00 -1.57 -34.44
N LYS B 149 -2.20 -1.05 -34.64
CA LYS B 149 -2.63 0.17 -33.97
C LYS B 149 -3.23 -0.27 -32.65
N THR B 150 -2.94 0.48 -31.58
CA THR B 150 -3.26 0.05 -30.23
C THR B 150 -4.11 1.10 -29.54
N ALA B 151 -5.14 0.65 -28.81
CA ALA B 151 -6.03 1.57 -28.11
C ALA B 151 -6.55 0.92 -26.85
N THR B 152 -6.85 1.75 -25.85
CA THR B 152 -7.55 1.26 -24.68
C THR B 152 -8.81 2.10 -24.45
N PHE B 153 -9.85 1.44 -23.92
CA PHE B 153 -11.19 2.00 -23.76
C PHE B 153 -11.66 1.82 -22.33
N HIS B 154 -12.13 2.90 -21.72
CA HIS B 154 -12.71 2.85 -20.38
C HIS B 154 -13.60 4.07 -20.22
N THR B 155 -14.79 3.90 -19.62
CA THR B 155 -15.79 4.97 -19.65
C THR B 155 -15.62 6.05 -18.58
N ASN B 156 -14.70 5.86 -17.64
CA ASN B 156 -14.40 6.90 -16.66
C ASN B 156 -13.29 7.86 -17.15
N ASP B 157 -13.07 8.93 -16.38
CA ASP B 157 -12.08 9.94 -16.76
C ASP B 157 -10.65 9.42 -16.59
N ALA B 158 -9.81 9.67 -17.59
CA ALA B 158 -8.45 9.11 -17.63
C ALA B 158 -7.50 9.76 -16.64
N SER B 159 -7.90 10.85 -15.98
CA SER B 159 -7.13 11.34 -14.82
C SER B 159 -7.01 10.29 -13.70
N PHE B 160 -8.00 9.39 -13.57
CA PHE B 160 -7.96 8.34 -12.54
C PHE B 160 -6.71 7.47 -12.67
N TYR B 161 -6.01 7.31 -11.56
CA TYR B 161 -4.77 6.52 -11.48
C TYR B 161 -3.70 6.96 -12.47
N ASN B 162 -3.75 8.22 -12.90
CA ASN B 162 -2.75 8.75 -13.81
C ASN B 162 -2.77 8.05 -15.18
N ARG B 163 -3.94 7.55 -15.59
CA ARG B 163 -4.06 6.81 -16.86
C ARG B 163 -3.68 7.66 -18.08
N ASP B 164 -4.01 8.95 -18.03
CA ASP B 164 -3.70 9.87 -19.14
C ASP B 164 -2.19 10.07 -19.36
N GLU B 165 -1.37 9.80 -18.35
CA GLU B 165 0.10 9.69 -18.53
C GLU B 165 0.58 8.25 -18.72
N PHE B 166 -0.03 7.32 -18.00
CA PHE B 166 0.39 5.92 -18.06
C PHE B 166 0.18 5.30 -19.45
N TYR B 167 -0.94 5.61 -20.08
CA TYR B 167 -1.23 4.98 -21.36
C TYR B 167 -0.21 5.37 -22.46
N PRO B 168 0.17 6.66 -22.54
CA PRO B 168 1.31 7.09 -23.38
C PRO B 168 2.64 6.47 -22.96
N ALA B 169 2.88 6.36 -21.65
CA ALA B 169 4.09 5.73 -21.14
C ALA B 169 4.27 4.32 -21.66
N VAL B 170 3.20 3.54 -21.73
CA VAL B 170 3.31 2.17 -22.25
C VAL B 170 3.15 2.09 -23.76
N GLY B 171 2.88 3.23 -24.40
CA GLY B 171 2.90 3.30 -25.85
C GLY B 171 1.60 2.90 -26.54
N PHE B 172 0.46 3.04 -25.86
CA PHE B 172 -0.82 2.97 -26.56
C PHE B 172 -0.88 4.14 -27.54
N ASP B 173 -1.34 3.89 -28.76
CA ASP B 173 -1.53 4.97 -29.74
C ASP B 173 -2.62 5.94 -29.29
N LYS B 174 -3.68 5.40 -28.71
CA LYS B 174 -4.83 6.20 -28.25
C LYS B 174 -5.44 5.60 -27.01
N PHE B 175 -6.09 6.45 -26.21
CA PHE B 175 -7.01 5.97 -25.19
C PHE B 175 -8.32 6.71 -25.33
N TYR B 176 -9.41 5.99 -25.13
CA TYR B 176 -10.76 6.54 -25.21
C TYR B 176 -11.31 6.54 -23.80
N ASP B 177 -11.64 7.72 -23.28
CA ASP B 177 -12.08 7.85 -21.89
C ASP B 177 -13.47 8.48 -21.85
N ARG B 178 -13.86 8.95 -20.67
CA ARG B 178 -15.21 9.49 -20.49
C ARG B 178 -15.61 10.51 -21.57
N LYS B 179 -14.70 11.41 -21.94
CA LYS B 179 -14.96 12.41 -23.01
C LYS B 179 -15.51 11.80 -24.28
N PHE B 180 -15.01 10.62 -24.63
CA PHE B 180 -15.47 9.90 -25.80
C PHE B 180 -16.84 9.26 -25.60
N PHE B 181 -17.07 8.67 -24.43
CA PHE B 181 -18.33 7.93 -24.20
C PHE B 181 -19.59 8.75 -23.89
N GLY B 182 -19.47 10.04 -23.56
CA GLY B 182 -20.66 10.85 -23.22
C GLY B 182 -21.13 10.52 -21.81
N ASP B 183 -22.38 10.88 -21.49
CA ASP B 183 -22.95 10.66 -20.16
C ASP B 183 -24.32 9.99 -20.21
N GLU B 184 -24.60 9.28 -21.30
CA GLU B 184 -25.80 8.45 -21.40
C GLU B 184 -25.60 7.16 -20.60
N ASP B 185 -26.71 6.66 -20.04
CA ASP B 185 -26.78 5.34 -19.41
C ASP B 185 -25.65 5.09 -18.41
N VAL B 186 -25.52 6.01 -17.47
CA VAL B 186 -24.56 5.89 -16.39
C VAL B 186 -25.01 4.80 -15.42
N ILE B 187 -24.06 3.94 -15.05
CA ILE B 187 -24.27 2.94 -14.00
C ILE B 187 -23.10 3.12 -13.05
N GLY B 188 -23.40 3.38 -11.78
CA GLY B 188 -22.38 3.81 -10.84
C GLY B 188 -21.95 5.23 -11.17
N PHE B 189 -20.68 5.42 -11.52
CA PHE B 189 -20.15 6.77 -11.75
C PHE B 189 -19.76 7.06 -13.20
N SER B 190 -20.03 6.13 -14.12
CA SER B 190 -19.68 6.37 -15.52
C SER B 190 -20.55 5.53 -16.46
N PRO B 191 -20.48 5.80 -17.77
CA PRO B 191 -21.35 5.07 -18.67
C PRO B 191 -21.23 3.55 -18.52
N SER B 192 -22.35 2.88 -18.78
CA SER B 192 -22.47 1.45 -18.55
C SER B 192 -21.55 0.65 -19.46
N ASP B 193 -21.33 -0.61 -19.09
CA ASP B 193 -20.63 -1.54 -19.97
C ASP B 193 -21.32 -1.62 -21.34
N GLU B 194 -22.66 -1.51 -21.40
CA GLU B 194 -23.34 -1.49 -22.69
C GLU B 194 -22.82 -0.36 -23.58
N VAL B 195 -22.62 0.83 -23.00
CA VAL B 195 -22.12 1.98 -23.76
C VAL B 195 -20.64 1.74 -24.15
N LEU B 196 -19.87 1.14 -23.24
CA LEU B 196 -18.47 0.79 -23.52
C LEU B 196 -18.38 -0.02 -24.79
N TYR B 197 -19.16 -1.11 -24.84
CA TYR B 197 -19.07 -2.02 -25.97
C TYR B 197 -19.68 -1.45 -27.25
N ASN B 198 -20.81 -0.76 -27.11
CA ASN B 198 -21.48 -0.17 -28.27
C ASN B 198 -20.71 0.95 -28.94
N LYS B 199 -19.99 1.75 -28.18
CA LYS B 199 -19.20 2.82 -28.76
C LYS B 199 -17.81 2.35 -29.20
N ALA B 200 -17.28 1.31 -28.59
CA ALA B 200 -15.98 0.77 -29.04
C ALA B 200 -16.12 -0.01 -30.35
N PHE B 201 -17.20 -0.78 -30.47
CA PHE B 201 -17.33 -1.71 -31.58
C PHE B 201 -17.16 -1.07 -32.97
N PRO B 202 -17.83 0.08 -33.24
CA PRO B 202 -17.71 0.69 -34.57
C PRO B 202 -16.29 1.09 -34.91
N ILE B 203 -15.49 1.44 -33.91
CA ILE B 203 -14.10 1.78 -34.12
C ILE B 203 -13.34 0.56 -34.59
N LEU B 204 -13.58 -0.58 -33.94
CA LEU B 204 -12.95 -1.85 -34.29
C LEU B 204 -13.40 -2.32 -35.68
N GLU B 205 -14.69 -2.18 -35.96
CA GLU B 205 -15.25 -2.58 -37.25
C GLU B 205 -14.62 -1.80 -38.41
N GLU B 206 -14.36 -0.52 -38.23
CA GLU B 206 -13.73 0.26 -39.29
C GLU B 206 -12.27 -0.11 -39.50
N GLN B 207 -11.56 -0.44 -38.42
CA GLN B 207 -10.19 -0.91 -38.57
C GLN B 207 -10.15 -2.26 -39.28
N TYR B 208 -11.09 -3.13 -38.91
CA TYR B 208 -11.22 -4.44 -39.54
C TYR B 208 -11.45 -4.30 -41.06
N LYS B 209 -12.42 -3.47 -41.44
CA LYS B 209 -12.76 -3.28 -42.86
C LYS B 209 -11.61 -2.65 -43.67
N ASN B 210 -10.79 -1.86 -43.00
CA ASN B 210 -9.66 -1.23 -43.64
C ASN B 210 -8.34 -1.97 -43.53
N ASN B 211 -8.38 -3.23 -43.11
CA ASN B 211 -7.18 -4.05 -42.99
C ASN B 211 -6.13 -3.49 -42.07
N GLN B 212 -6.57 -2.82 -41.00
CA GLN B 212 -5.64 -2.33 -40.00
C GLN B 212 -5.65 -3.27 -38.82
N LYS B 213 -4.59 -4.05 -38.66
CA LYS B 213 -4.49 -4.92 -37.50
C LYS B 213 -4.56 -4.04 -36.26
N PHE B 214 -5.31 -4.48 -35.26
CA PHE B 214 -5.49 -3.67 -34.06
C PHE B 214 -5.40 -4.51 -32.79
N TYR B 215 -4.96 -3.85 -31.72
CA TYR B 215 -5.07 -4.34 -30.36
C TYR B 215 -5.99 -3.36 -29.64
N ALA B 216 -7.11 -3.86 -29.15
CA ALA B 216 -8.03 -3.08 -28.32
C ALA B 216 -8.11 -3.67 -26.92
N GLN B 217 -7.86 -2.84 -25.91
CA GLN B 217 -8.01 -3.23 -24.50
C GLN B 217 -9.22 -2.48 -23.93
N LEU B 218 -10.22 -3.23 -23.45
CA LEU B 218 -11.42 -2.66 -22.89
C LEU B 218 -11.44 -2.96 -21.40
N ILE B 219 -11.72 -1.94 -20.58
CA ILE B 219 -11.75 -2.08 -19.14
C ILE B 219 -13.21 -1.84 -18.72
N SER B 220 -13.86 -2.87 -18.22
CA SER B 220 -15.26 -2.77 -17.79
C SER B 220 -15.40 -2.06 -16.47
N VAL B 221 -16.59 -1.62 -16.11
CA VAL B 221 -16.74 -0.88 -14.88
C VAL B 221 -18.04 -1.09 -14.12
N SER B 222 -19.04 -1.60 -14.79
CA SER B 222 -20.38 -1.66 -14.21
C SER B 222 -20.46 -2.55 -12.97
N SER B 223 -19.58 -3.54 -12.91
CA SER B 223 -19.52 -4.42 -11.75
C SER B 223 -18.52 -3.96 -10.67
N HIS B 224 -18.16 -2.68 -10.68
CA HIS B 224 -17.37 -2.08 -9.58
C HIS B 224 -18.29 -1.92 -8.37
N MET B 225 -17.71 -2.04 -7.18
CA MET B 225 -18.45 -1.79 -5.92
C MET B 225 -18.88 -0.32 -5.92
N PRO B 226 -20.08 -0.01 -5.38
CA PRO B 226 -21.04 -0.83 -4.65
C PRO B 226 -22.01 -1.68 -5.47
N PHE B 227 -21.73 -1.96 -6.74
CA PHE B 227 -22.55 -2.91 -7.51
C PHE B 227 -23.97 -2.43 -7.73
N ASP B 228 -24.14 -1.11 -7.87
CA ASP B 228 -25.45 -0.49 -8.04
C ASP B 228 -25.91 -0.58 -9.49
N ILE B 229 -26.89 -1.44 -9.75
CA ILE B 229 -27.45 -1.61 -11.07
C ILE B 229 -28.89 -1.05 -11.08
N PRO B 230 -29.25 -0.26 -12.11
CA PRO B 230 -30.63 0.25 -12.14
C PRO B 230 -31.64 -0.88 -12.08
N LYS B 231 -32.77 -0.62 -11.41
CA LYS B 231 -33.75 -1.67 -11.18
C LYS B 231 -34.22 -2.40 -12.43
N ASP B 232 -34.40 -1.66 -13.52
CA ASP B 232 -34.89 -2.27 -14.76
C ASP B 232 -33.84 -3.15 -15.44
N LYS B 233 -32.58 -3.05 -14.99
CA LYS B 233 -31.48 -3.87 -15.53
C LYS B 233 -31.13 -5.07 -14.64
N GLN B 234 -31.80 -5.22 -13.50
CA GLN B 234 -31.59 -6.35 -12.60
C GLN B 234 -32.44 -7.53 -13.06
N GLU B 235 -31.79 -8.62 -13.45
CA GLU B 235 -32.49 -9.75 -14.05
C GLU B 235 -32.51 -11.00 -13.20
N ILE B 236 -31.81 -11.00 -12.07
CA ILE B 236 -31.82 -12.13 -11.16
C ILE B 236 -32.87 -11.89 -10.07
N ASP B 237 -33.82 -12.80 -9.94
CA ASP B 237 -34.74 -12.79 -8.81
C ASP B 237 -34.02 -13.40 -7.61
N LEU B 238 -33.65 -12.57 -6.65
CA LEU B 238 -32.77 -12.98 -5.56
C LEU B 238 -33.56 -13.61 -4.41
N PRO B 239 -33.05 -14.69 -3.82
CA PRO B 239 -33.66 -15.17 -2.56
C PRO B 239 -33.44 -14.21 -1.40
N SER B 240 -34.22 -14.34 -0.33
CA SER B 240 -34.22 -13.32 0.73
C SER B 240 -32.89 -13.24 1.50
N ASP B 241 -32.11 -14.32 1.49
CA ASP B 241 -30.80 -14.25 2.11
C ASP B 241 -29.74 -13.55 1.23
N LEU B 242 -30.13 -13.14 0.03
CA LEU B 242 -29.29 -12.28 -0.82
C LEU B 242 -29.84 -10.88 -1.12
N LYS B 243 -31.15 -10.71 -1.04
CA LYS B 243 -31.77 -9.50 -1.54
C LYS B 243 -31.27 -8.36 -0.65
N ASP B 244 -30.92 -7.24 -1.28
CA ASP B 244 -30.41 -6.03 -0.59
C ASP B 244 -29.18 -6.26 0.32
N THR B 245 -28.32 -7.19 -0.11
CA THR B 245 -27.05 -7.49 0.55
C THR B 245 -25.93 -7.22 -0.45
N GLU B 246 -24.70 -7.05 0.02
CA GLU B 246 -23.56 -6.82 -0.87
C GLU B 246 -23.42 -7.92 -1.90
N LEU B 247 -23.49 -9.18 -1.47
CA LEU B 247 -23.33 -10.31 -2.38
C LEU B 247 -24.46 -10.37 -3.39
N GLY B 248 -25.68 -10.05 -2.94
CA GLY B 248 -26.80 -10.01 -3.87
C GLY B 248 -26.62 -8.96 -4.94
N ASN B 249 -26.21 -7.77 -4.53
CA ASN B 249 -25.96 -6.70 -5.47
C ASN B 249 -24.81 -7.07 -6.41
N TYR B 250 -23.81 -7.74 -5.86
CA TYR B 250 -22.67 -8.22 -6.64
C TYR B 250 -23.13 -9.14 -7.73
N PHE B 251 -24.00 -10.10 -7.39
CA PHE B 251 -24.53 -11.03 -8.39
C PHE B 251 -25.34 -10.35 -9.50
N GLU B 252 -26.15 -9.35 -9.17
CA GLU B 252 -26.89 -8.59 -10.20
C GLU B 252 -25.91 -7.87 -11.14
N ALA B 253 -24.86 -7.30 -10.57
CA ALA B 253 -23.90 -6.49 -11.34
C ALA B 253 -23.05 -7.38 -12.23
N VAL B 254 -22.59 -8.50 -11.70
CA VAL B 254 -21.80 -9.45 -12.49
C VAL B 254 -22.66 -10.02 -13.62
N HIS B 255 -23.93 -10.31 -13.33
CA HIS B 255 -24.83 -10.83 -14.34
C HIS B 255 -25.04 -9.81 -15.45
N TYR B 256 -25.23 -8.54 -15.08
CA TYR B 256 -25.36 -7.48 -16.06
C TYR B 256 -24.08 -7.39 -16.92
N ALA B 257 -22.94 -7.36 -16.27
CA ALA B 257 -21.66 -7.23 -16.97
C ALA B 257 -21.45 -8.42 -17.94
N ASP B 258 -21.75 -9.62 -17.47
CA ASP B 258 -21.65 -10.83 -18.29
C ASP B 258 -22.63 -10.80 -19.48
N LYS B 259 -23.85 -10.31 -19.24
CA LYS B 259 -24.81 -10.14 -20.34
C LYS B 259 -24.28 -9.21 -21.43
N GLN B 260 -23.76 -8.06 -21.03
CA GLN B 260 -23.28 -7.06 -21.99
C GLN B 260 -22.06 -7.58 -22.72
N LEU B 261 -21.21 -8.33 -22.01
CA LEU B 261 -20.08 -9.01 -22.66
C LEU B 261 -20.54 -9.97 -23.75
N GLY B 262 -21.60 -10.73 -23.47
CA GLY B 262 -22.18 -11.65 -24.44
C GLY B 262 -22.69 -10.96 -25.70
N GLU B 263 -23.33 -9.81 -25.53
CA GLU B 263 -23.80 -9.02 -26.67
C GLU B 263 -22.64 -8.48 -27.52
N PHE B 264 -21.56 -8.07 -26.86
CA PHE B 264 -20.36 -7.61 -27.54
C PHE B 264 -19.75 -8.75 -28.36
N ILE B 265 -19.67 -9.94 -27.75
CA ILE B 265 -19.18 -11.13 -28.45
C ILE B 265 -20.05 -11.45 -29.67
N GLN B 266 -21.37 -11.37 -29.54
CA GLN B 266 -22.24 -11.68 -30.66
C GLN B 266 -22.01 -10.71 -31.84
N LYS B 267 -21.74 -9.44 -31.54
CA LYS B 267 -21.40 -8.46 -32.58
C LYS B 267 -20.05 -8.75 -33.23
N LEU B 268 -19.07 -9.16 -32.43
CA LEU B 268 -17.79 -9.58 -32.97
C LEU B 268 -17.95 -10.80 -33.88
N LYS B 269 -18.85 -11.72 -33.51
CA LYS B 269 -19.09 -12.91 -34.33
C LYS B 269 -19.77 -12.53 -35.66
N ASP B 270 -20.87 -11.78 -35.58
CA ASP B 270 -21.63 -11.37 -36.77
C ASP B 270 -20.79 -10.57 -37.76
N SER B 271 -19.92 -9.70 -37.23
CA SER B 271 -19.12 -8.84 -38.05
C SER B 271 -17.97 -9.54 -38.73
N GLY B 272 -17.59 -10.73 -38.26
CA GLY B 272 -16.38 -11.40 -38.76
C GLY B 272 -15.12 -11.15 -37.93
N ILE B 273 -15.17 -10.19 -37.01
CA ILE B 273 -13.99 -9.85 -36.21
C ILE B 273 -13.56 -11.04 -35.33
N TRP B 274 -14.54 -11.76 -34.78
CA TRP B 274 -14.25 -12.89 -33.87
C TRP B 274 -13.35 -13.93 -34.53
N ASP B 275 -13.66 -14.22 -35.79
CA ASP B 275 -12.93 -15.24 -36.54
C ASP B 275 -11.59 -14.75 -37.03
N ASP B 276 -11.28 -13.48 -36.80
CA ASP B 276 -10.01 -12.89 -37.19
C ASP B 276 -9.24 -12.26 -36.02
N SER B 277 -9.54 -12.70 -34.79
CA SER B 277 -8.98 -12.07 -33.58
C SER B 277 -8.68 -13.07 -32.49
N VAL B 278 -7.57 -12.83 -31.77
CA VAL B 278 -7.33 -13.44 -30.47
C VAL B 278 -8.16 -12.61 -29.50
N VAL B 279 -8.93 -13.28 -28.66
CA VAL B 279 -9.72 -12.60 -27.66
C VAL B 279 -9.43 -13.19 -26.28
N VAL B 280 -9.12 -12.33 -25.33
CA VAL B 280 -8.79 -12.70 -23.96
C VAL B 280 -9.76 -11.97 -23.01
N PHE B 281 -10.31 -12.72 -22.07
CA PHE B 281 -11.15 -12.15 -21.02
C PHE B 281 -10.55 -12.54 -19.69
N TYR B 282 -10.42 -11.59 -18.77
CA TYR B 282 -9.98 -11.92 -17.41
C TYR B 282 -10.58 -10.96 -16.40
N GLY B 283 -10.78 -11.42 -15.17
CA GLY B 283 -11.21 -10.52 -14.09
C GLY B 283 -10.02 -9.76 -13.57
N ASP B 284 -10.17 -8.49 -13.20
CA ASP B 284 -9.01 -7.76 -12.69
C ASP B 284 -8.53 -8.24 -11.34
N HIS B 285 -9.45 -8.53 -10.43
CA HIS B 285 -9.13 -8.99 -9.09
C HIS B 285 -10.43 -9.33 -8.39
N HIS B 286 -10.32 -10.05 -7.28
CA HIS B 286 -11.48 -10.43 -6.49
C HIS B 286 -11.96 -9.23 -5.71
N ILE B 287 -13.21 -9.32 -5.26
CA ILE B 287 -13.75 -8.28 -4.42
C ILE B 287 -14.48 -8.82 -3.18
N ILE B 288 -14.95 -10.07 -3.24
CA ILE B 288 -15.69 -10.67 -2.13
C ILE B 288 -14.75 -11.60 -1.36
N LYS B 289 -14.55 -11.30 -0.08
CA LYS B 289 -13.81 -12.21 0.79
C LYS B 289 -14.78 -13.29 1.24
N THR B 290 -14.69 -14.45 0.61
CA THR B 290 -15.76 -15.45 0.74
C THR B 290 -15.79 -16.06 2.14
N ASP B 291 -14.65 -16.13 2.82
CA ASP B 291 -14.62 -16.66 4.18
C ASP B 291 -15.26 -15.71 5.20
N GLN B 292 -15.45 -14.44 4.80
CA GLN B 292 -16.12 -13.45 5.63
C GLN B 292 -17.61 -13.29 5.34
N LEU B 293 -18.15 -14.08 4.42
CA LEU B 293 -19.60 -14.00 4.13
C LEU B 293 -20.40 -14.47 5.33
N PRO B 294 -21.64 -13.97 5.46
CA PRO B 294 -22.56 -14.62 6.40
C PRO B 294 -22.68 -16.10 6.10
N GLU B 295 -22.79 -16.92 7.15
CA GLU B 295 -22.78 -18.36 6.98
C GLU B 295 -23.78 -18.87 5.94
N GLU B 296 -24.98 -18.30 5.92
CA GLU B 296 -25.99 -18.81 5.00
C GLU B 296 -25.77 -18.38 3.54
N GLN B 297 -24.88 -17.40 3.32
CA GLN B 297 -24.50 -16.99 1.95
C GLN B 297 -23.36 -17.84 1.40
N LYS B 298 -22.64 -18.54 2.27
CA LYS B 298 -21.49 -19.34 1.81
C LYS B 298 -21.89 -20.46 0.85
N LYS B 299 -23.12 -20.95 0.92
CA LYS B 299 -23.58 -21.98 -0.04
C LYS B 299 -23.62 -21.53 -1.51
N TYR B 300 -23.53 -20.21 -1.74
CA TYR B 300 -23.53 -19.67 -3.09
C TYR B 300 -22.18 -19.68 -3.76
N VAL B 301 -21.12 -19.85 -2.98
CA VAL B 301 -19.76 -19.84 -3.50
C VAL B 301 -19.56 -21.13 -4.28
N ASN B 302 -18.95 -21.02 -5.45
CA ASN B 302 -18.71 -22.18 -6.30
C ASN B 302 -17.53 -22.96 -5.72
N ARG B 303 -17.77 -24.22 -5.37
CA ARG B 303 -16.76 -25.06 -4.73
C ARG B 303 -16.17 -26.06 -5.70
N SER B 304 -16.60 -26.03 -6.96
CA SER B 304 -16.25 -27.11 -7.89
C SER B 304 -14.75 -27.19 -8.19
N THR B 305 -14.05 -26.06 -8.14
CA THR B 305 -12.59 -26.08 -8.30
C THR B 305 -11.91 -25.36 -7.14
N GLN B 306 -12.54 -25.47 -5.96
CA GLN B 306 -12.08 -24.82 -4.76
C GLN B 306 -10.64 -25.17 -4.45
N LEU B 307 -9.89 -24.14 -4.06
CA LEU B 307 -8.61 -24.34 -3.40
C LEU B 307 -8.84 -24.16 -1.90
N LYS B 308 -8.50 -25.19 -1.13
CA LYS B 308 -8.70 -25.13 0.31
C LYS B 308 -7.50 -24.48 0.97
N ALA B 309 -7.21 -23.26 0.54
CA ALA B 309 -6.17 -22.44 1.11
C ALA B 309 -6.58 -21.02 0.86
N GLU B 310 -6.39 -20.14 1.83
CA GLU B 310 -6.68 -18.73 1.63
C GLU B 310 -5.41 -17.91 1.81
N PRO B 311 -5.26 -16.83 1.02
CA PRO B 311 -6.28 -16.27 0.13
C PRO B 311 -6.31 -16.85 -1.29
N ALA B 312 -5.66 -18.00 -1.50
CA ALA B 312 -5.56 -18.61 -2.81
C ALA B 312 -6.91 -18.73 -3.49
N ASP B 313 -7.92 -19.24 -2.79
CA ASP B 313 -9.19 -19.49 -3.46
C ASP B 313 -9.79 -18.21 -4.02
N ASP B 314 -9.84 -17.14 -3.21
CA ASP B 314 -10.41 -15.86 -3.64
C ASP B 314 -9.59 -15.14 -4.69
N TYR B 315 -8.28 -15.36 -4.68
CA TYR B 315 -7.42 -14.66 -5.64
C TYR B 315 -7.54 -15.21 -7.06
N ARG B 316 -8.28 -16.30 -7.24
CA ARG B 316 -8.53 -16.79 -8.58
C ARG B 316 -9.48 -15.86 -9.32
N ILE B 317 -9.11 -15.53 -10.55
CA ILE B 317 -9.89 -14.68 -11.43
C ILE B 317 -10.20 -15.49 -12.67
N PRO B 318 -11.36 -15.24 -13.31
CA PRO B 318 -11.57 -15.99 -14.54
C PRO B 318 -10.57 -15.59 -15.64
N PHE B 319 -10.29 -16.54 -16.51
CA PHE B 319 -9.38 -16.35 -17.64
C PHE B 319 -9.84 -17.22 -18.79
N PHE B 320 -10.11 -16.58 -19.92
CA PHE B 320 -10.58 -17.25 -21.13
C PHE B 320 -9.80 -16.74 -22.32
N LEU B 321 -9.39 -17.65 -23.19
CA LEU B 321 -8.66 -17.29 -24.37
C LEU B 321 -9.24 -17.97 -25.59
N HIS B 322 -9.51 -17.17 -26.61
CA HIS B 322 -10.01 -17.63 -27.89
C HIS B 322 -9.00 -17.24 -28.97
N TYR B 323 -8.81 -18.13 -29.94
CA TYR B 323 -8.15 -17.72 -31.18
C TYR B 323 -8.74 -18.51 -32.33
N PRO B 324 -8.74 -17.91 -33.53
CA PRO B 324 -9.38 -18.60 -34.67
C PRO B 324 -8.73 -19.93 -35.02
N GLY B 325 -9.56 -20.94 -35.26
CA GLY B 325 -9.07 -22.26 -35.64
C GLY B 325 -8.43 -23.04 -34.51
N MET B 326 -8.73 -22.66 -33.26
CA MET B 326 -8.26 -23.43 -32.11
C MET B 326 -8.85 -24.84 -32.18
N GLU B 327 -8.01 -25.86 -32.05
CA GLU B 327 -8.51 -27.24 -32.13
C GLU B 327 -8.56 -27.93 -30.76
N ASN B 328 -8.00 -27.26 -29.75
CA ASN B 328 -7.73 -27.88 -28.47
C ASN B 328 -8.35 -27.09 -27.30
N PRO B 329 -9.67 -26.82 -27.35
CA PRO B 329 -10.29 -26.05 -26.26
C PRO B 329 -10.35 -26.84 -24.97
N GLY B 330 -10.38 -26.13 -23.85
CA GLY B 330 -10.51 -26.77 -22.55
C GLY B 330 -9.66 -26.12 -21.49
N GLU B 331 -9.52 -26.83 -20.37
CA GLU B 331 -8.91 -26.27 -19.16
C GLU B 331 -7.40 -26.26 -19.28
N ILE B 332 -6.80 -25.10 -19.10
CA ILE B 332 -5.34 -24.97 -19.03
C ILE B 332 -4.91 -25.46 -17.65
N LYS B 333 -3.99 -26.42 -17.60
CA LYS B 333 -3.55 -26.98 -16.32
C LYS B 333 -2.50 -26.14 -15.63
N ASN B 334 -1.66 -25.48 -16.39
CA ASN B 334 -0.57 -24.69 -15.85
C ASN B 334 -1.14 -23.39 -15.24
N VAL B 335 -0.69 -23.02 -14.06
CA VAL B 335 -1.16 -21.79 -13.44
C VAL B 335 -0.59 -20.57 -14.11
N GLY B 336 -1.29 -19.45 -13.92
CA GLY B 336 -0.85 -18.19 -14.45
C GLY B 336 -1.38 -17.05 -13.61
N GLY B 337 -0.79 -15.89 -13.84
CA GLY B 337 -1.27 -14.63 -13.26
C GLY B 337 -1.28 -13.55 -14.31
N GLU B 338 -1.77 -12.37 -13.93
CA GLU B 338 -1.91 -11.30 -14.90
C GLU B 338 -0.58 -10.95 -15.59
N ILE B 339 0.52 -11.04 -14.88
CA ILE B 339 1.83 -10.81 -15.51
C ILE B 339 2.18 -11.75 -16.65
N ASP B 340 1.50 -12.90 -16.72
CA ASP B 340 1.75 -13.91 -17.75
C ASP B 340 0.99 -13.70 -19.06
N ILE B 341 0.05 -12.75 -19.08
CA ILE B 341 -0.77 -12.59 -20.28
C ILE B 341 0.06 -12.17 -21.50
N MET B 342 1.00 -11.23 -21.32
CA MET B 342 1.79 -10.74 -22.48
C MET B 342 2.62 -11.85 -23.15
N PRO B 343 3.48 -12.55 -22.39
CA PRO B 343 4.25 -13.60 -23.07
C PRO B 343 3.38 -14.70 -23.71
N THR B 344 2.23 -15.00 -23.10
CA THR B 344 1.32 -16.00 -23.63
C THR B 344 0.75 -15.52 -24.98
N VAL B 345 0.29 -14.27 -25.02
CA VAL B 345 -0.30 -13.72 -26.21
C VAL B 345 0.73 -13.50 -27.33
N MET B 346 1.91 -13.01 -26.99
CA MET B 346 2.92 -12.76 -28.00
C MET B 346 3.28 -14.07 -28.71
N ASN B 347 3.33 -15.18 -27.98
CA ASN B 347 3.58 -16.47 -28.61
C ASN B 347 2.49 -16.83 -29.64
N LEU B 348 1.22 -16.69 -29.25
CA LEU B 348 0.13 -16.97 -30.18
C LEU B 348 0.18 -16.10 -31.44
N LEU B 349 0.55 -14.84 -31.26
CA LEU B 349 0.60 -13.89 -32.36
C LEU B 349 1.88 -14.04 -33.22
N GLY B 350 2.76 -14.95 -32.81
CA GLY B 350 4.01 -15.21 -33.55
C GLY B 350 5.00 -14.08 -33.47
N ILE B 351 5.03 -13.38 -32.35
CA ILE B 351 5.89 -12.24 -32.17
C ILE B 351 7.02 -12.60 -31.22
N LYS B 352 8.26 -12.40 -31.68
CA LYS B 352 9.43 -12.62 -30.85
C LYS B 352 9.62 -11.42 -29.96
N THR B 353 9.87 -11.68 -28.69
CA THR B 353 10.05 -10.62 -27.70
C THR B 353 11.50 -10.18 -27.54
N GLY B 354 12.43 -10.98 -28.07
CA GLY B 354 13.85 -10.62 -28.09
C GLY B 354 14.46 -10.32 -26.73
N ASP B 355 14.99 -9.11 -26.57
CA ASP B 355 15.68 -8.72 -25.36
C ASP B 355 14.75 -8.07 -24.34
N GLN B 356 13.45 -8.03 -24.65
CA GLN B 356 12.52 -7.39 -23.74
C GLN B 356 12.37 -8.23 -22.48
N ILE B 357 12.57 -7.58 -21.34
CA ILE B 357 12.48 -8.25 -20.05
C ILE B 357 10.99 -8.49 -19.74
N MET B 358 10.65 -9.74 -19.44
CA MET B 358 9.29 -10.11 -19.03
C MET B 358 9.41 -10.98 -17.79
N PHE B 359 8.69 -10.62 -16.72
CA PHE B 359 8.69 -11.41 -15.50
C PHE B 359 7.64 -12.50 -15.56
N GLY B 360 6.70 -12.37 -16.47
CA GLY B 360 5.73 -13.44 -16.73
C GLY B 360 6.29 -14.51 -17.62
N THR B 361 5.51 -15.58 -17.77
CA THR B 361 5.87 -16.76 -18.52
C THR B 361 4.73 -17.14 -19.49
N ASP B 362 5.09 -17.67 -20.64
CA ASP B 362 4.14 -18.21 -21.59
C ASP B 362 3.48 -19.43 -20.97
N ILE B 363 2.22 -19.29 -20.57
CA ILE B 363 1.61 -20.37 -19.81
C ILE B 363 1.22 -21.58 -20.65
N LEU B 364 1.18 -21.43 -21.98
CA LEU B 364 0.86 -22.58 -22.84
C LEU B 364 2.10 -23.40 -23.19
N ASN B 365 3.26 -22.97 -22.75
CA ASN B 365 4.50 -23.69 -23.04
C ASN B 365 5.36 -23.98 -21.81
N SER B 366 4.71 -24.04 -20.67
CA SER B 366 5.35 -24.43 -19.44
C SER B 366 4.36 -25.25 -18.65
N SER B 367 4.86 -25.97 -17.65
CA SER B 367 3.99 -26.78 -16.82
C SER B 367 4.20 -26.58 -15.34
N ASN B 368 5.23 -25.83 -14.96
CA ASN B 368 5.57 -25.63 -13.56
C ASN B 368 5.59 -24.15 -13.17
N ASN B 369 4.74 -23.36 -13.83
CA ASN B 369 4.68 -21.92 -13.54
C ASN B 369 4.18 -21.69 -12.11
N TYR B 370 4.58 -20.57 -11.52
CA TYR B 370 4.05 -20.17 -10.23
C TYR B 370 3.89 -18.66 -10.21
N VAL B 371 3.13 -18.15 -9.26
CA VAL B 371 2.78 -16.73 -9.23
C VAL B 371 3.13 -16.11 -7.89
N PRO B 372 4.21 -15.29 -7.84
CA PRO B 372 4.52 -14.51 -6.65
C PRO B 372 3.42 -13.49 -6.31
N GLU B 373 3.20 -13.25 -5.02
CA GLU B 373 2.23 -12.27 -4.56
C GLU B 373 2.87 -11.33 -3.55
N ARG B 374 2.31 -10.12 -3.42
CA ARG B 374 2.82 -9.17 -2.46
C ARG B 374 1.71 -8.26 -1.94
N TYR B 375 2.10 -7.37 -1.03
CA TYR B 375 1.24 -6.32 -0.49
C TYR B 375 0.19 -6.82 0.49
N THR B 376 -0.73 -7.66 0.03
CA THR B 376 -1.68 -8.30 0.91
C THR B 376 -1.13 -9.62 1.46
N MET B 377 -0.01 -10.07 0.91
CA MET B 377 0.74 -11.22 1.44
C MET B 377 2.20 -10.79 1.56
N PRO B 378 2.93 -11.39 2.50
CA PRO B 378 4.35 -11.01 2.60
C PRO B 378 5.18 -11.44 1.39
N GLU B 379 6.25 -10.69 1.13
CA GLU B 379 7.14 -10.94 0.01
C GLU B 379 7.68 -12.36 0.11
N GLY B 380 7.69 -13.08 -1.01
CA GLY B 380 8.10 -14.48 -1.04
C GLY B 380 6.91 -15.44 -1.04
N SER B 381 5.71 -14.90 -0.81
CA SER B 381 4.50 -15.69 -0.96
C SER B 381 4.30 -16.01 -2.43
N TYR B 382 3.77 -17.21 -2.72
CA TYR B 382 3.47 -17.60 -4.09
C TYR B 382 2.45 -18.72 -4.20
N PHE B 383 1.81 -18.81 -5.37
CA PHE B 383 0.87 -19.88 -5.71
C PHE B 383 1.43 -20.77 -6.80
N THR B 384 1.34 -22.09 -6.63
CA THR B 384 1.68 -23.04 -7.71
C THR B 384 0.41 -23.71 -8.20
N ASN B 385 0.55 -24.73 -9.04
CA ASN B 385 -0.62 -25.53 -9.43
C ASN B 385 -1.15 -26.52 -8.37
N SER B 386 -0.43 -26.69 -7.28
CA SER B 386 -0.87 -27.61 -6.24
C SER B 386 -0.78 -27.09 -4.81
N TYR B 387 -0.10 -25.98 -4.58
CA TYR B 387 0.00 -25.44 -3.22
C TYR B 387 0.34 -23.96 -3.19
N MET B 388 0.08 -23.32 -2.05
CA MET B 388 0.51 -21.95 -1.80
C MET B 388 1.51 -21.93 -0.65
N TYR B 389 2.48 -21.04 -0.74
CA TYR B 389 3.41 -20.81 0.34
C TYR B 389 3.31 -19.37 0.83
N GLN B 390 3.37 -19.19 2.15
CA GLN B 390 3.40 -17.86 2.76
C GLN B 390 4.41 -17.86 3.90
N PRO B 391 5.40 -16.96 3.85
CA PRO B 391 6.34 -16.89 4.98
C PRO B 391 5.73 -16.18 6.17
N ASP B 392 6.43 -16.26 7.31
CA ASP B 392 6.05 -15.51 8.49
C ASP B 392 7.27 -14.67 8.90
N GLU B 393 7.87 -14.92 10.07
CA GLU B 393 9.07 -14.17 10.49
C GLU B 393 10.26 -14.55 9.62
N SER B 394 10.21 -15.77 9.09
CA SER B 394 11.27 -16.31 8.26
C SER B 394 10.66 -17.35 7.34
N PHE B 395 11.46 -17.90 6.45
CA PHE B 395 11.00 -18.98 5.61
C PHE B 395 10.54 -20.16 6.44
N GLU B 396 11.35 -20.53 7.43
CA GLU B 396 11.15 -21.76 8.19
C GLU B 396 9.90 -21.74 9.06
N THR B 397 9.46 -20.54 9.45
CA THR B 397 8.26 -20.37 10.27
C THR B 397 7.00 -20.12 9.43
N GLY B 398 7.15 -20.15 8.11
CA GLY B 398 6.01 -20.01 7.20
C GLY B 398 5.29 -21.33 7.03
N ALA B 399 4.40 -21.40 6.04
CA ALA B 399 3.57 -22.56 5.83
C ALA B 399 3.21 -22.75 4.37
N ALA B 400 3.38 -23.97 3.88
CA ALA B 400 2.93 -24.39 2.57
C ALA B 400 1.66 -25.20 2.77
N THR B 401 0.63 -24.83 2.03
CA THR B 401 -0.66 -25.49 2.14
C THR B 401 -1.06 -25.99 0.77
N ASN B 402 -1.22 -27.31 0.66
CA ASN B 402 -1.74 -27.93 -0.54
C ASN B 402 -3.17 -27.47 -0.78
N TYR B 403 -3.59 -27.49 -2.04
CA TYR B 403 -4.93 -27.04 -2.38
C TYR B 403 -6.05 -27.97 -1.92
N ASP B 404 -5.73 -29.19 -1.53
CA ASP B 404 -6.69 -30.04 -0.80
C ASP B 404 -6.80 -29.72 0.69
N GLY B 405 -6.05 -28.73 1.16
CA GLY B 405 -6.11 -28.29 2.55
C GLY B 405 -5.04 -28.85 3.48
N THR B 406 -4.31 -29.86 3.01
CA THR B 406 -3.28 -30.50 3.84
C THR B 406 -2.00 -29.68 3.86
N ASN B 407 -1.25 -29.84 4.92
CA ASN B 407 0.02 -29.17 5.06
C ASN B 407 1.03 -29.78 4.11
N LYS B 408 1.93 -28.95 3.61
CA LYS B 408 3.01 -29.43 2.78
C LYS B 408 4.31 -29.08 3.46
N GLU B 409 5.17 -30.07 3.62
CA GLU B 409 6.45 -29.87 4.27
C GLU B 409 7.31 -28.88 3.47
N LEU B 410 8.06 -28.06 4.20
CA LEU B 410 8.90 -27.05 3.57
C LEU B 410 10.18 -27.66 3.03
N SER B 411 10.06 -28.29 1.87
CA SER B 411 11.18 -28.93 1.19
C SER B 411 12.05 -27.93 0.43
N SER B 412 13.10 -28.45 -0.20
CA SER B 412 14.06 -27.67 -0.97
C SER B 412 13.42 -26.90 -2.13
N ASP B 413 12.52 -27.54 -2.85
CA ASP B 413 11.80 -26.87 -3.94
C ASP B 413 10.89 -25.75 -3.44
N VAL B 414 10.31 -25.92 -2.25
CA VAL B 414 9.48 -24.86 -1.66
C VAL B 414 10.35 -23.66 -1.33
N LYS B 415 11.55 -23.95 -0.84
CA LYS B 415 12.53 -22.92 -0.50
C LYS B 415 13.03 -22.20 -1.75
N LYS B 416 13.32 -22.94 -2.80
CA LYS B 416 13.80 -22.34 -4.04
C LYS B 416 12.80 -21.35 -4.64
N ARG B 417 11.51 -21.68 -4.61
CA ARG B 417 10.49 -20.78 -5.14
C ARG B 417 10.30 -19.55 -4.26
N PHE B 418 10.45 -19.71 -2.94
CA PHE B 418 10.40 -18.58 -2.03
C PHE B 418 11.54 -17.61 -2.31
N ASP B 419 12.75 -18.14 -2.43
CA ASP B 419 13.92 -17.32 -2.74
C ASP B 419 13.80 -16.66 -4.12
N ALA B 420 13.43 -17.43 -5.12
CA ALA B 420 13.18 -16.90 -6.46
C ALA B 420 12.11 -15.81 -6.45
N SER B 421 11.01 -16.06 -5.76
CA SER B 421 9.95 -15.03 -5.68
C SER B 421 10.47 -13.71 -5.14
N ARG B 422 11.20 -13.76 -4.03
CA ARG B 422 11.72 -12.53 -3.44
C ARG B 422 12.70 -11.84 -4.39
N LYS B 423 13.56 -12.62 -5.04
CA LYS B 423 14.57 -12.05 -5.93
C LYS B 423 13.92 -11.44 -7.17
N LEU B 424 12.89 -12.11 -7.70
CA LEU B 424 12.13 -11.59 -8.83
C LEU B 424 11.47 -10.24 -8.54
N LEU B 425 10.88 -10.12 -7.35
CA LEU B 425 10.27 -8.85 -6.94
C LEU B 425 11.31 -7.74 -6.82
N GLN B 426 12.48 -8.05 -6.25
CA GLN B 426 13.58 -7.09 -6.18
C GLN B 426 14.01 -6.62 -7.57
N TYR B 427 14.25 -7.58 -8.45
CA TYR B 427 14.66 -7.29 -9.82
C TYR B 427 13.61 -6.48 -10.58
N SER B 428 12.35 -6.87 -10.47
CA SER B 428 11.28 -6.12 -11.12
C SER B 428 11.23 -4.69 -10.61
N ASP B 429 11.28 -4.50 -9.29
CA ASP B 429 11.27 -3.14 -8.72
C ASP B 429 12.46 -2.33 -9.23
N SER B 430 13.64 -2.94 -9.26
CA SER B 430 14.85 -2.25 -9.72
C SER B 430 14.78 -1.91 -11.20
N TYR B 431 14.35 -2.88 -11.99
CA TYR B 431 14.20 -2.69 -13.44
C TYR B 431 13.24 -1.54 -13.77
N VAL B 432 12.09 -1.54 -13.11
CA VAL B 432 11.08 -0.51 -13.36
C VAL B 432 11.60 0.85 -12.92
N ASN B 433 12.27 0.88 -11.77
CA ASN B 433 12.81 2.13 -11.26
C ASN B 433 13.90 2.75 -12.15
N ASN B 434 14.62 1.91 -12.89
CA ASN B 434 15.68 2.37 -13.80
C ASN B 434 15.23 2.68 -15.24
N LEU B 435 13.92 2.61 -15.53
CA LEU B 435 13.44 2.90 -16.89
C LEU B 435 13.69 4.37 -17.26
N PRO B 436 14.03 4.64 -18.52
CA PRO B 436 14.34 6.02 -18.91
C PRO B 436 13.13 6.95 -18.87
N LEU B 437 13.42 8.23 -18.68
CA LEU B 437 12.39 9.26 -18.67
C LEU B 437 11.93 9.59 -20.09
N ARG B 438 10.64 9.90 -20.24
CA ARG B 438 10.07 10.29 -21.54
C ARG B 438 10.59 11.62 -22.08
N ASN B 439 10.94 12.56 -21.21
CA ASN B 439 11.41 13.88 -21.66
C ASN B 439 12.81 13.83 -22.28
#